data_1JLP
#
_entry.id   1JLP
#
_cell.length_a   ?
_cell.length_b   ?
_cell.length_c   ?
_cell.angle_alpha   ?
_cell.angle_beta   ?
_cell.angle_gamma   ?
#
_entity_poly.entity_id   1
_entity_poly.type   'polypeptide(L)'
_entity_poly.pdbx_seq_one_letter_code
;G(HYP)(HYP)CCLYGSCR(HYP)F(HYP)GCYNALCCRK(NH2)
;
_entity_poly.pdbx_strand_id   A
#
loop_
_chem_comp.id
_chem_comp.type
_chem_comp.name
_chem_comp.formula
NH2 non-polymer 'AMINO GROUP' 'H2 N'
#
# COMPACT_ATOMS: atom_id res chain seq x y z
N GLY A 1 -9.39 -6.55 1.70
CA GLY A 1 -8.69 -6.42 0.41
C GLY A 1 -7.28 -7.00 0.33
N HYP A 2 -6.58 -6.81 -0.83
CA HYP A 2 -5.15 -7.09 -0.94
C HYP A 2 -4.21 -6.04 -0.26
O HYP A 2 -4.50 -4.84 -0.35
CB HYP A 2 -4.89 -7.20 -2.46
CG HYP A 2 -6.08 -6.48 -3.13
CD HYP A 2 -7.23 -6.47 -2.12
OD1 HYP A 2 -6.45 -7.15 -4.34
HA HYP A 2 -5.05 -8.06 -0.47
HB2 HYP A 2 -3.88 -6.81 -2.71
HB3 HYP A 2 -4.85 -8.28 -2.75
HG HYP A 2 -5.83 -5.44 -3.39
HD22 HYP A 2 -7.81 -5.53 -2.02
HD23 HYP A 2 -8.00 -7.22 -2.38
HD1 HYP A 2 -7.20 -6.66 -4.69
N HYP A 3 -3.02 -6.43 0.31
CA HYP A 3 -2.06 -5.48 0.92
C HYP A 3 -1.41 -4.48 -0.05
O HYP A 3 -0.60 -4.80 -0.92
CB HYP A 3 -1.01 -6.42 1.55
CG HYP A 3 -1.66 -7.79 1.71
CD HYP A 3 -2.66 -7.83 0.56
OD1 HYP A 3 -2.33 -7.87 2.96
HA HYP A 3 -2.59 -4.93 1.75
HB2 HYP A 3 -0.12 -6.49 0.89
HB3 HYP A 3 -0.61 -6.07 2.50
HG HYP A 3 -0.92 -8.61 1.64
HD22 HYP A 3 -3.51 -8.48 0.80
HD23 HYP A 3 -2.19 -8.23 -0.35
HD1 HYP A 3 -2.76 -8.73 2.97
N CYS A 4 -1.55 -3.24 0.40
CA CYS A 4 -0.79 -2.07 -0.01
C CYS A 4 0.74 -2.04 0.23
N CYS A 5 1.13 -2.56 1.38
CA CYS A 5 2.51 -2.84 1.72
C CYS A 5 2.52 -4.30 2.25
N LEU A 6 3.28 -5.06 1.51
CA LEU A 6 3.69 -6.42 1.86
C LEU A 6 5.19 -6.37 2.18
N TYR A 7 5.48 -6.60 3.46
CA TYR A 7 6.84 -6.54 4.00
C TYR A 7 7.53 -5.13 3.98
N GLY A 8 6.83 -4.13 4.52
CA GLY A 8 7.25 -2.71 4.43
C GLY A 8 7.12 -1.93 3.11
N SER A 9 6.90 -2.63 1.99
CA SER A 9 7.14 -2.13 0.66
C SER A 9 6.07 -1.15 0.08
N CYS A 10 6.32 -0.65 -1.13
CA CYS A 10 5.25 -0.06 -2.00
C CYS A 10 4.81 -1.15 -3.00
N ARG A 11 3.54 -1.56 -2.87
CA ARG A 11 2.97 -2.74 -3.55
C ARG A 11 1.64 -2.23 -4.18
N HYP A 12 1.57 -1.90 -5.50
CA HYP A 12 0.55 -0.95 -6.03
C HYP A 12 -0.87 -1.57 -6.21
O HYP A 12 -1.05 -2.60 -6.86
CB HYP A 12 1.18 -0.46 -7.36
CG HYP A 12 2.14 -1.58 -7.78
CD HYP A 12 2.68 -2.11 -6.45
OD1 HYP A 12 3.19 -1.09 -8.60
HA HYP A 12 0.50 -0.08 -5.35
HB2 HYP A 12 0.40 -0.21 -8.14
HB3 HYP A 12 1.75 0.47 -7.18
HG HYP A 12 1.61 -2.40 -8.30
HD22 HYP A 12 2.96 -3.19 -6.50
HD23 HYP A 12 3.58 -1.56 -6.10
HD1 HYP A 12 2.76 -0.75 -9.39
N PHE A 13 -1.83 -0.91 -5.56
CA PHE A 13 -3.25 -1.36 -5.50
C PHE A 13 -4.21 -0.15 -5.39
N HYP A 14 -5.52 -0.34 -5.68
CA HYP A 14 -6.54 0.67 -5.42
C HYP A 14 -6.90 0.79 -3.92
O HYP A 14 -7.06 -0.18 -3.17
CB HYP A 14 -7.64 0.20 -6.34
CG HYP A 14 -7.57 -1.33 -6.36
CD HYP A 14 -6.07 -1.53 -6.36
OD1 HYP A 14 -8.21 -1.88 -7.50
HA HYP A 14 -6.18 1.62 -5.85
HB2 HYP A 14 -8.60 0.59 -6.04
HB3 HYP A 14 -7.38 0.63 -7.31
HG HYP A 14 -7.94 -1.79 -5.45
HD22 HYP A 14 -5.76 -2.47 -5.88
HD23 HYP A 14 -5.80 -1.54 -7.41
HD1 HYP A 14 -9.14 -1.65 -7.42
N GLY A 15 -6.66 2.03 -3.51
CA GLY A 15 -6.57 2.46 -2.11
C GLY A 15 -5.27 2.23 -1.29
N CYS A 16 -4.16 1.92 -1.95
CA CYS A 16 -2.83 1.77 -1.32
C CYS A 16 -2.04 3.10 -1.10
N TYR A 17 -1.93 3.88 -2.18
CA TYR A 17 -1.65 5.36 -2.12
C TYR A 17 -2.52 6.22 -1.15
N ASN A 18 -3.78 5.85 -0.85
CA ASN A 18 -4.52 6.34 0.35
C ASN A 18 -4.12 5.69 1.73
N ALA A 19 -3.63 4.44 1.75
CA ALA A 19 -3.24 3.71 2.98
C ALA A 19 -1.85 4.10 3.53
N LEU A 20 -1.67 3.79 4.83
CA LEU A 20 -0.79 4.56 5.73
C LEU A 20 0.74 4.38 5.47
N CYS A 21 1.22 3.14 5.27
CA CYS A 21 2.62 2.83 4.94
C CYS A 21 3.15 3.37 3.58
N CYS A 22 2.48 3.06 2.44
CA CYS A 22 2.86 3.64 1.13
C CYS A 22 1.83 4.74 0.78
N ARG A 23 1.89 5.84 1.55
CA ARG A 23 0.90 6.95 1.44
C ARG A 23 1.37 7.99 0.37
N LYS A 24 1.34 7.53 -0.88
CA LYS A 24 1.91 8.26 -2.05
C LYS A 24 0.74 8.79 -2.92
N NH2 A 25 0.80 8.72 -4.24
HN1 NH2 A 25 1.65 8.22 -4.57
HN2 NH2 A 25 0.05 9.20 -4.77
N GLY A 1 -9.37 -6.92 1.55
CA GLY A 1 -8.56 -6.82 0.32
C GLY A 1 -7.13 -7.35 0.36
N HYP A 2 -6.36 -7.18 -0.75
CA HYP A 2 -4.91 -7.38 -0.73
C HYP A 2 -4.08 -6.24 -0.04
O HYP A 2 -4.42 -5.07 -0.24
CB HYP A 2 -4.53 -7.57 -2.21
CG HYP A 2 -5.68 -6.91 -3.02
CD HYP A 2 -6.91 -6.91 -2.09
OD1 HYP A 2 -5.94 -7.66 -4.21
HA HYP A 2 -4.79 -8.32 -0.18
HB2 HYP A 2 -3.50 -7.15 -2.41
HB3 HYP A 2 -4.43 -8.66 -2.43
HG HYP A 2 -5.45 -5.88 -3.31
HD22 HYP A 2 -7.52 -5.98 -2.08
HD23 HYP A 2 -7.63 -7.70 -2.38
HD1 HYP A 2 -6.67 -7.22 -4.64
N HYP A 3 -2.93 -6.52 0.62
CA HYP A 3 -2.02 -5.48 1.18
C HYP A 3 -1.38 -4.53 0.13
O HYP A 3 -0.56 -4.91 -0.71
CB HYP A 3 -0.94 -6.32 1.91
CG HYP A 3 -1.54 -7.70 2.16
CD HYP A 3 -2.48 -7.88 0.98
OD1 HYP A 3 -2.27 -7.71 3.39
HA HYP A 3 -2.58 -4.88 1.94
HB2 HYP A 3 -0.04 -6.39 1.28
HB3 HYP A 3 -0.60 -5.87 2.84
HG HYP A 3 -0.76 -8.49 2.19
HD22 HYP A 3 -3.33 -8.56 1.24
HD23 HYP A 3 -1.95 -8.33 0.13
HD1 HYP A 3 -2.66 -8.58 3.46
N CYS A 4 -1.59 -3.27 0.47
CA CYS A 4 -0.83 -2.10 0.01
C CYS A 4 0.71 -2.14 0.16
N CYS A 5 1.14 -2.45 1.39
CA CYS A 5 2.52 -2.72 1.72
C CYS A 5 2.49 -4.17 2.25
N LEU A 6 3.21 -4.96 1.50
CA LEU A 6 3.60 -6.33 1.85
C LEU A 6 5.12 -6.24 2.07
N TYR A 7 5.52 -6.76 3.23
CA TYR A 7 6.89 -6.68 3.74
C TYR A 7 7.46 -5.25 4.03
N GLY A 8 6.61 -4.39 4.60
CA GLY A 8 6.89 -2.94 4.69
C GLY A 8 6.82 -2.05 3.44
N SER A 9 6.85 -2.63 2.22
CA SER A 9 7.38 -1.91 1.03
C SER A 9 6.26 -1.12 0.25
N CYS A 10 6.46 -0.87 -1.05
CA CYS A 10 5.42 -0.28 -1.95
C CYS A 10 5.04 -1.34 -3.01
N ARG A 11 3.75 -1.72 -3.01
CA ARG A 11 3.18 -2.76 -3.89
C ARG A 11 1.82 -2.18 -4.41
N HYP A 12 1.66 -1.71 -5.68
CA HYP A 12 0.57 -0.79 -6.07
C HYP A 12 -0.83 -1.45 -6.20
O HYP A 12 -1.01 -2.47 -6.86
CB HYP A 12 1.07 -0.17 -7.40
CG HYP A 12 2.05 -1.21 -7.96
CD HYP A 12 2.71 -1.80 -6.71
OD1 HYP A 12 3.01 -0.61 -8.82
HA HYP A 12 0.53 0.04 -5.32
HB2 HYP A 12 0.23 0.09 -8.10
HB3 HYP A 12 1.60 0.78 -7.19
HG HYP A 12 1.52 -2.02 -8.51
HD22 HYP A 12 3.02 -2.86 -6.88
HD23 HYP A 12 3.60 -1.23 -6.40
HD1 HYP A 12 3.61 -1.31 -9.08
N PHE A 13 -1.79 -0.83 -5.49
CA PHE A 13 -3.20 -1.30 -5.44
C PHE A 13 -4.17 -0.10 -5.34
N HYP A 14 -5.48 -0.30 -5.63
CA HYP A 14 -6.51 0.69 -5.34
C HYP A 14 -6.88 0.75 -3.83
O HYP A 14 -7.02 -0.24 -3.12
CB HYP A 14 -7.60 0.22 -6.27
CG HYP A 14 -7.51 -1.30 -6.32
CD HYP A 14 -6.02 -1.49 -6.32
OD1 HYP A 14 -8.15 -1.84 -7.48
HA HYP A 14 -6.17 1.66 -5.74
HB2 HYP A 14 -8.58 0.60 -5.97
HB3 HYP A 14 -7.33 0.66 -7.23
HG HYP A 14 -7.88 -1.80 -5.42
HD22 HYP A 14 -5.69 -2.44 -5.85
HD23 HYP A 14 -5.74 -1.49 -7.37
HD1 HYP A 14 -7.75 -1.40 -8.23
N GLY A 15 -6.67 1.98 -3.38
CA GLY A 15 -6.58 2.36 -1.97
C GLY A 15 -5.28 2.13 -1.16
N CYS A 16 -4.16 1.88 -1.84
CA CYS A 16 -2.82 1.76 -1.22
C CYS A 16 -2.07 3.11 -1.03
N TYR A 17 -2.01 3.91 -2.08
CA TYR A 17 -1.81 5.39 -2.01
C TYR A 17 -2.81 6.23 -1.12
N ASN A 18 -4.01 5.71 -0.77
CA ASN A 18 -4.77 6.19 0.42
C ASN A 18 -4.35 5.56 1.81
N ALA A 19 -3.72 4.37 1.83
CA ALA A 19 -3.26 3.67 3.05
C ALA A 19 -1.84 4.09 3.49
N LEU A 20 -1.60 3.95 4.80
CA LEU A 20 -0.63 4.80 5.53
C LEU A 20 0.88 4.60 5.17
N CYS A 21 1.33 3.34 5.09
CA CYS A 21 2.73 2.99 4.79
C CYS A 21 3.29 3.37 3.38
N CYS A 22 2.51 3.16 2.30
CA CYS A 22 2.86 3.65 0.95
C CYS A 22 1.86 4.76 0.48
N ARG A 23 1.62 5.74 1.37
CA ARG A 23 0.65 6.83 1.10
C ARG A 23 1.13 7.84 0.01
N LYS A 24 2.33 8.42 0.20
CA LYS A 24 2.97 9.33 -0.79
C LYS A 24 3.94 8.51 -1.72
N NH2 A 25 3.46 7.73 -2.68
HN1 NH2 A 25 2.45 7.51 -2.71
HN2 NH2 A 25 4.23 7.25 -3.18
N GLY A 1 -9.00 -7.15 1.47
CA GLY A 1 -8.09 -7.16 0.31
C GLY A 1 -6.64 -7.59 0.55
N HYP A 2 -5.78 -7.55 -0.50
CA HYP A 2 -4.33 -7.64 -0.33
C HYP A 2 -3.63 -6.36 0.24
O HYP A 2 -4.01 -5.26 -0.16
CB HYP A 2 -3.80 -8.02 -1.71
CG HYP A 2 -4.90 -7.56 -2.71
CD HYP A 2 -6.22 -7.51 -1.91
OD1 HYP A 2 -5.01 -8.46 -3.80
HA HYP A 2 -4.21 -8.49 0.37
HB2 HYP A 2 -2.79 -7.59 -1.90
HB3 HYP A 2 -3.64 -9.13 -1.78
HG HYP A 2 -4.69 -6.56 -3.12
HD22 HYP A 2 -6.87 -6.62 -2.09
HD23 HYP A 2 -6.86 -8.36 -2.14
HD1 HYP A 2 -5.21 -9.32 -3.42
N HYP A 3 -2.52 -6.47 1.04
CA HYP A 3 -1.75 -5.31 1.53
C HYP A 3 -1.07 -4.46 0.41
O HYP A 3 -0.19 -4.89 -0.34
CB HYP A 3 -0.71 -5.96 2.47
CG HYP A 3 -1.26 -7.32 2.87
CD HYP A 3 -2.07 -7.73 1.65
OD1 HYP A 3 -2.12 -7.20 4.00
HA HYP A 3 -2.40 -4.66 2.15
HB2 HYP A 3 0.27 -6.04 1.97
HB3 HYP A 3 -0.51 -5.37 3.37
HG HYP A 3 -0.45 -8.04 3.11
HD22 HYP A 3 -2.89 -8.42 1.92
HD23 HYP A 3 -1.43 -8.26 0.92
HD1 HYP A 3 -2.48 -8.08 4.17
N CYS A 4 -1.40 -3.18 0.54
CA CYS A 4 -0.66 -2.02 -0.01
C CYS A 4 0.87 -1.93 0.09
N CYS A 5 1.37 -2.34 1.25
CA CYS A 5 2.78 -2.56 1.51
C CYS A 5 2.85 -4.05 1.92
N LEU A 6 3.51 -4.76 1.03
CA LEU A 6 3.92 -6.15 1.22
C LEU A 6 5.32 -6.12 1.88
N TYR A 7 5.43 -6.82 2.98
CA TYR A 7 6.66 -6.88 3.81
C TYR A 7 7.24 -5.51 4.29
N GLY A 8 6.34 -4.63 4.73
CA GLY A 8 6.65 -3.19 4.92
C GLY A 8 6.81 -2.24 3.72
N SER A 9 7.00 -2.76 2.49
CA SER A 9 7.66 -1.98 1.41
C SER A 9 6.63 -1.15 0.59
N CYS A 10 6.50 -1.30 -0.75
CA CYS A 10 5.37 -0.70 -1.53
C CYS A 10 5.02 -1.58 -2.77
N ARG A 11 3.71 -1.56 -3.07
CA ARG A 11 3.03 -2.62 -3.83
C ARG A 11 1.70 -2.00 -4.37
N HYP A 12 1.55 -1.60 -5.66
CA HYP A 12 0.45 -0.71 -6.11
C HYP A 12 -0.93 -1.41 -6.22
O HYP A 12 -1.09 -2.45 -6.87
CB HYP A 12 0.97 -0.17 -7.46
CG HYP A 12 1.97 -1.23 -7.97
CD HYP A 12 2.61 -1.77 -6.67
OD1 HYP A 12 2.94 -0.66 -8.82
HA HYP A 12 0.40 0.15 -5.42
HB2 HYP A 12 0.15 0.05 -8.19
HB3 HYP A 12 1.51 0.79 -7.30
HG HYP A 12 1.45 -2.06 -8.49
HD22 HYP A 12 2.90 -2.84 -6.78
HD23 HYP A 12 3.51 -1.21 -6.38
HD1 HYP A 12 2.47 -0.33 -9.59
N PHE A 13 -1.90 -0.81 -5.53
CA PHE A 13 -3.30 -1.30 -5.45
C PHE A 13 -4.30 -0.14 -5.34
N HYP A 14 -5.61 -0.39 -5.59
CA HYP A 14 -6.67 0.55 -5.26
C HYP A 14 -6.97 0.61 -3.73
O HYP A 14 -7.03 -0.39 -3.01
CB HYP A 14 -7.78 0.03 -6.13
CG HYP A 14 -7.62 -1.48 -6.19
CD HYP A 14 -6.12 -1.61 -6.25
OD1 HYP A 14 -8.29 -2.05 -7.32
HA HYP A 14 -6.39 1.54 -5.67
HB2 HYP A 14 -8.75 0.37 -5.80
HB3 HYP A 14 -7.56 0.49 -7.12
HG HYP A 14 -7.94 -1.98 -5.27
HD22 HYP A 14 -5.74 -2.54 -5.79
HD23 HYP A 14 -5.90 -1.60 -7.31
HD1 HYP A 14 -8.07 -2.98 -7.31
N GLY A 15 -6.82 1.85 -3.29
CA GLY A 15 -6.69 2.23 -1.88
C GLY A 15 -5.35 2.08 -1.13
N CYS A 16 -4.25 1.84 -1.84
CA CYS A 16 -2.88 1.75 -1.27
C CYS A 16 -2.14 3.11 -1.12
N TYR A 17 -2.14 3.91 -2.19
CA TYR A 17 -1.90 5.38 -2.12
C TYR A 17 -2.82 6.22 -1.15
N ASN A 18 -4.04 5.76 -0.82
CA ASN A 18 -4.76 6.21 0.41
C ASN A 18 -4.27 5.59 1.77
N ALA A 19 -3.67 4.39 1.78
CA ALA A 19 -3.21 3.70 3.00
C ALA A 19 -1.79 4.12 3.45
N LEU A 20 -1.57 3.99 4.77
CA LEU A 20 -0.61 4.84 5.51
C LEU A 20 0.89 4.67 5.12
N CYS A 21 1.39 3.42 5.07
CA CYS A 21 2.78 3.10 4.70
C CYS A 21 3.27 3.53 3.28
N CYS A 22 2.46 3.30 2.23
CA CYS A 22 2.75 3.82 0.87
C CYS A 22 1.84 5.01 0.46
N ARG A 23 1.52 5.90 1.43
CA ARG A 23 0.90 7.22 1.16
C ARG A 23 1.91 8.21 0.51
N LYS A 24 3.02 8.55 1.20
CA LYS A 24 4.10 9.40 0.65
C LYS A 24 5.25 8.47 0.16
N NH2 A 25 6.50 8.78 0.48
HN1 NH2 A 25 6.58 9.69 0.96
HN2 NH2 A 25 7.09 7.95 0.59
N GLY A 1 -9.29 -6.08 1.23
CA GLY A 1 -8.55 -6.16 -0.05
C GLY A 1 -7.03 -6.43 0.05
N HYP A 2 -6.32 -6.63 -1.10
CA HYP A 2 -4.91 -7.07 -1.10
C HYP A 2 -3.89 -5.99 -0.57
O HYP A 2 -4.10 -4.80 -0.85
CB HYP A 2 -4.62 -7.47 -2.57
CG HYP A 2 -5.77 -6.87 -3.40
CD HYP A 2 -6.95 -6.65 -2.44
OD1 HYP A 2 -6.13 -7.73 -4.47
HA HYP A 2 -4.89 -7.97 -0.47
HB2 HYP A 2 -3.59 -7.15 -2.87
HB3 HYP A 2 -4.60 -8.59 -2.67
HG HYP A 2 -5.50 -5.88 -3.84
HD22 HYP A 2 -7.56 -5.74 -2.58
HD23 HYP A 2 -7.69 -7.47 -2.52
HD1 HYP A 2 -5.34 -7.81 -5.02
N HYP A 3 -2.78 -6.36 0.14
CA HYP A 3 -1.82 -5.40 0.74
C HYP A 3 -1.12 -4.42 -0.24
O HYP A 3 -0.38 -4.77 -1.16
CB HYP A 3 -0.79 -6.32 1.43
CG HYP A 3 -1.52 -7.62 1.72
CD HYP A 3 -2.50 -7.74 0.57
OD1 HYP A 3 -2.22 -7.54 2.96
HA HYP A 3 -2.36 -4.81 1.53
HB2 HYP A 3 0.08 -6.47 0.78
HB3 HYP A 3 -0.38 -5.90 2.35
HG HYP A 3 -0.83 -8.48 1.76
HD22 HYP A 3 -3.39 -8.32 0.86
HD23 HYP A 3 -2.03 -8.28 -0.27
HD1 HYP A 3 -2.81 -6.79 2.88
N CYS A 4 -1.23 -3.17 0.22
CA CYS A 4 -0.47 -2.00 -0.23
C CYS A 4 1.05 -1.97 -0.01
N CYS A 5 1.47 -2.48 1.14
CA CYS A 5 2.86 -2.72 1.49
C CYS A 5 2.85 -4.14 2.11
N LEU A 6 3.63 -4.98 1.47
CA LEU A 6 3.91 -6.35 1.92
C LEU A 6 5.31 -6.39 2.52
N TYR A 7 5.37 -6.67 3.82
CA TYR A 7 6.62 -6.68 4.57
C TYR A 7 7.40 -5.32 4.63
N GLY A 8 6.69 -4.25 4.97
CA GLY A 8 7.19 -2.86 4.87
C GLY A 8 7.33 -2.17 3.51
N SER A 9 7.17 -2.91 2.40
CA SER A 9 7.63 -2.47 1.08
C SER A 9 6.63 -1.49 0.36
N CYS A 10 6.43 -1.60 -0.97
CA CYS A 10 5.33 -0.91 -1.68
C CYS A 10 4.91 -1.72 -2.93
N ARG A 11 3.59 -1.70 -3.15
CA ARG A 11 2.86 -2.65 -4.00
C ARG A 11 1.58 -1.92 -4.50
N HYP A 12 1.47 -1.42 -5.76
CA HYP A 12 0.41 -0.47 -6.17
C HYP A 12 -0.99 -1.10 -6.37
O HYP A 12 -1.15 -2.11 -7.08
CB HYP A 12 0.98 0.17 -7.46
CG HYP A 12 1.95 -0.88 -8.02
CD HYP A 12 2.53 -1.56 -6.77
OD1 HYP A 12 2.97 -0.27 -8.80
HA HYP A 12 0.36 0.33 -5.39
HB2 HYP A 12 0.17 0.48 -8.18
HB3 HYP A 12 1.53 1.10 -7.19
HG HYP A 12 1.43 -1.63 -8.62
HD22 HYP A 12 2.78 -2.62 -6.97
HD23 HYP A 12 3.46 -1.05 -6.41
HD1 HYP A 12 2.53 0.15 -9.54
N PHE A 13 -1.98 -0.49 -5.70
CA PHE A 13 -3.39 -0.94 -5.70
C PHE A 13 -4.35 0.25 -5.51
N HYP A 14 -5.66 0.07 -5.82
CA HYP A 14 -6.70 0.99 -5.37
C HYP A 14 -7.02 0.86 -3.86
O HYP A 14 -7.10 -0.23 -3.27
CB HYP A 14 -7.81 0.60 -6.32
CG HYP A 14 -7.70 -0.90 -6.54
CD HYP A 14 -6.21 -1.08 -6.59
OD1 HYP A 14 -8.37 -1.32 -7.73
HA HYP A 14 -6.40 2.01 -5.67
HB2 HYP A 14 -8.79 0.93 -5.97
HB3 HYP A 14 -7.57 1.14 -7.24
HG HYP A 14 -8.05 -1.49 -5.69
HD22 HYP A 14 -5.87 -2.05 -6.21
HD23 HYP A 14 -5.97 -0.97 -7.65
HD1 HYP A 14 -8.18 -2.26 -7.81
N GLY A 15 -6.81 2.03 -3.26
CA GLY A 15 -6.68 2.23 -1.82
C GLY A 15 -5.33 1.98 -1.11
N CYS A 16 -4.23 1.83 -1.86
CA CYS A 16 -2.85 1.74 -1.32
C CYS A 16 -2.17 3.11 -1.08
N TYR A 17 -2.18 3.97 -2.10
CA TYR A 17 -1.98 5.45 -1.95
C TYR A 17 -2.97 6.23 -1.01
N ASN A 18 -4.15 5.66 -0.64
CA ASN A 18 -4.88 6.04 0.60
C ASN A 18 -4.40 5.37 1.94
N ALA A 19 -3.81 4.16 1.88
CA ALA A 19 -3.31 3.41 3.06
C ALA A 19 -1.89 3.84 3.49
N LEU A 20 -1.65 3.72 4.80
CA LEU A 20 -0.73 4.61 5.56
C LEU A 20 0.77 4.56 5.15
N CYS A 21 1.31 3.36 4.84
CA CYS A 21 2.72 3.14 4.47
C CYS A 21 3.22 3.67 3.09
N CYS A 22 2.44 3.47 2.01
CA CYS A 22 2.86 3.87 0.63
C CYS A 22 1.94 4.99 0.10
N ARG A 23 1.97 6.08 0.87
CA ARG A 23 0.82 7.03 0.95
C ARG A 23 1.15 8.39 0.30
N LYS A 24 2.15 9.12 0.84
CA LYS A 24 2.53 10.47 0.37
C LYS A 24 3.74 10.35 -0.61
N NH2 A 25 4.75 11.21 -0.55
HN1 NH2 A 25 4.65 11.90 0.21
HN2 NH2 A 25 5.44 11.15 -1.33
N GLY A 1 -9.04 -6.05 1.41
CA GLY A 1 -8.39 -6.27 0.10
C GLY A 1 -7.02 -6.95 0.11
N HYP A 2 -6.30 -6.94 -1.04
CA HYP A 2 -4.88 -7.31 -1.09
C HYP A 2 -3.90 -6.20 -0.57
O HYP A 2 -4.19 -5.01 -0.77
CB HYP A 2 -4.67 -7.72 -2.56
CG HYP A 2 -5.85 -7.14 -3.38
CD HYP A 2 -6.81 -6.49 -2.35
OD1 HYP A 2 -6.54 -8.23 -4.01
HA HYP A 2 -4.81 -8.19 -0.45
HB2 HYP A 2 -3.64 -7.40 -2.89
HB3 HYP A 2 -4.65 -8.84 -2.61
HG HYP A 2 -5.55 -6.46 -4.20
HD22 HYP A 2 -7.87 -6.77 -2.50
HD23 HYP A 2 -6.84 -5.37 -2.33
HD1 HYP A 2 -6.80 -8.81 -3.30
N HYP A 3 -2.73 -6.54 0.05
CA HYP A 3 -1.83 -5.57 0.71
C HYP A 3 -1.21 -4.51 -0.23
O HYP A 3 -0.39 -4.78 -1.12
CB HYP A 3 -0.74 -6.49 1.31
CG HYP A 3 -1.31 -7.88 1.44
CD HYP A 3 -2.33 -7.93 0.34
OD1 HYP A 3 -1.93 -8.03 2.73
HA HYP A 3 -2.39 -5.06 1.53
HB2 HYP A 3 0.09 -6.54 0.62
HB3 HYP A 3 -0.35 -6.16 2.27
HG HYP A 3 -0.56 -8.68 1.30
HD22 HYP A 3 -1.99 -8.42 -0.58
HD23 HYP A 3 -3.13 -8.53 0.72
HD1 HYP A 3 -2.58 -7.34 2.79
N CYS A 4 -1.42 -3.30 0.25
CA CYS A 4 -0.69 -2.09 -0.11
C CYS A 4 0.84 -2.06 0.12
N CYS A 5 1.22 -2.50 1.32
CA CYS A 5 2.59 -2.70 1.72
C CYS A 5 2.62 -4.15 2.24
N LEU A 6 3.49 -4.86 1.58
CA LEU A 6 3.81 -6.26 1.83
C LEU A 6 5.31 -6.28 2.14
N TYR A 7 5.58 -6.71 3.37
CA TYR A 7 6.91 -6.63 4.01
C TYR A 7 7.49 -5.20 4.18
N GLY A 8 6.66 -4.29 4.71
CA GLY A 8 6.96 -2.84 4.75
C GLY A 8 6.86 -2.00 3.46
N SER A 9 6.98 -2.63 2.27
CA SER A 9 7.44 -1.91 1.06
C SER A 9 6.28 -1.21 0.26
N CYS A 10 6.39 -1.10 -1.08
CA CYS A 10 5.34 -0.49 -1.93
C CYS A 10 4.89 -1.54 -2.98
N ARG A 11 3.59 -1.84 -2.96
CA ARG A 11 2.94 -2.85 -3.82
C ARG A 11 1.63 -2.18 -4.35
N HYP A 12 1.54 -1.70 -5.63
CA HYP A 12 0.50 -0.73 -6.04
C HYP A 12 -0.92 -1.35 -6.24
O HYP A 12 -1.10 -2.34 -6.95
CB HYP A 12 1.07 -0.11 -7.34
CG HYP A 12 2.04 -1.16 -7.88
CD HYP A 12 2.63 -1.82 -6.63
OD1 HYP A 12 3.07 -0.58 -8.67
HA HYP A 12 0.46 0.08 -5.28
HB2 HYP A 12 0.27 0.18 -8.07
HB3 HYP A 12 1.63 0.82 -7.09
HG HYP A 12 1.52 -1.94 -8.48
HD22 HYP A 12 3.52 -1.31 -6.26
HD23 HYP A 12 2.89 -2.88 -6.80
HD1 HYP A 12 3.65 -1.29 -8.93
N PHE A 13 -1.88 -0.72 -5.57
CA PHE A 13 -3.31 -1.15 -5.58
C PHE A 13 -4.25 0.07 -5.43
N HYP A 14 -5.55 -0.09 -5.76
CA HYP A 14 -6.57 0.91 -5.42
C HYP A 14 -6.94 0.89 -3.91
O HYP A 14 -7.10 -0.15 -3.26
CB HYP A 14 -7.66 0.51 -6.38
CG HYP A 14 -7.60 -1.01 -6.52
CD HYP A 14 -6.11 -1.23 -6.53
OD1 HYP A 14 -8.24 -1.46 -7.71
HA HYP A 14 -6.21 1.89 -5.76
HB2 HYP A 14 -8.63 0.90 -6.07
HB3 HYP A 14 -7.37 1.00 -7.32
HG HYP A 14 -7.99 -1.53 -5.66
HD22 HYP A 14 -5.81 -2.21 -6.09
HD23 HYP A 14 -5.82 -1.17 -7.56
HD1 HYP A 14 -7.81 -0.98 -8.44
N GLY A 15 -6.71 2.07 -3.38
CA GLY A 15 -6.61 2.36 -1.95
C GLY A 15 -5.31 2.10 -1.17
N CYS A 16 -4.19 1.85 -1.87
CA CYS A 16 -2.85 1.73 -1.27
C CYS A 16 -2.10 3.08 -1.05
N TYR A 17 -2.05 3.90 -2.10
CA TYR A 17 -1.80 5.38 -2.00
C TYR A 17 -2.80 6.22 -1.13
N ASN A 18 -3.99 5.69 -0.74
CA ASN A 18 -4.73 6.16 0.46
C ASN A 18 -4.31 5.50 1.82
N ALA A 19 -3.73 4.29 1.82
CA ALA A 19 -3.24 3.57 3.03
C ALA A 19 -1.84 4.02 3.47
N LEU A 20 -1.61 3.89 4.79
CA LEU A 20 -0.66 4.78 5.51
C LEU A 20 0.84 4.58 5.17
N CYS A 21 1.32 3.33 5.12
CA CYS A 21 2.72 2.98 4.80
C CYS A 21 3.26 3.33 3.37
N CYS A 22 2.48 3.10 2.30
CA CYS A 22 2.83 3.56 0.93
C CYS A 22 1.85 4.67 0.45
N ARG A 23 1.63 5.68 1.33
CA ARG A 23 0.65 6.76 1.05
C ARG A 23 1.15 7.77 -0.04
N LYS A 24 2.34 8.35 0.16
CA LYS A 24 2.95 9.29 -0.82
C LYS A 24 4.01 8.53 -1.69
N NH2 A 25 3.63 7.73 -2.67
HN1 NH2 A 25 2.63 7.47 -2.77
HN2 NH2 A 25 4.45 7.30 -3.14
N GLY A 1 -9.48 -6.70 1.39
CA GLY A 1 -8.74 -6.59 0.10
C GLY A 1 -7.21 -6.79 0.17
N HYP A 2 -6.50 -6.84 -0.99
CA HYP A 2 -5.07 -7.20 -1.05
C HYP A 2 -4.10 -6.14 -0.41
O HYP A 2 -4.35 -4.93 -0.59
CB HYP A 2 -4.78 -7.43 -2.54
CG HYP A 2 -5.96 -6.78 -3.31
CD HYP A 2 -7.14 -6.74 -2.33
OD1 HYP A 2 -6.28 -7.53 -4.47
HA HYP A 2 -5.00 -8.16 -0.52
HB2 HYP A 2 -3.77 -7.03 -2.81
HB3 HYP A 2 -4.71 -8.52 -2.76
HG HYP A 2 -5.73 -5.74 -3.62
HD22 HYP A 2 -7.80 -5.84 -2.36
HD23 HYP A 2 -7.85 -7.56 -2.50
HD1 HYP A 2 -5.50 -7.51 -5.02
N HYP A 3 -2.95 -6.52 0.22
CA HYP A 3 -1.99 -5.57 0.83
C HYP A 3 -1.32 -4.58 -0.16
O HYP A 3 -0.59 -4.91 -1.10
CB HYP A 3 -0.94 -6.50 1.46
CG HYP A 3 -1.62 -7.85 1.69
CD HYP A 3 -2.62 -7.92 0.53
OD1 HYP A 3 -2.31 -7.86 2.93
HA HYP A 3 -2.51 -5.00 1.64
HB2 HYP A 3 -0.06 -6.61 0.80
HB3 HYP A 3 -0.54 -6.13 2.41
HG HYP A 3 -0.90 -8.69 1.65
HD22 HYP A 3 -3.49 -8.54 0.80
HD23 HYP A 3 -2.14 -8.38 -0.34
HD1 HYP A 3 -1.63 -7.76 3.60
N CYS A 4 -1.40 -3.35 0.32
CA CYS A 4 -0.64 -2.18 -0.13
C CYS A 4 0.89 -2.16 0.11
N CYS A 5 1.29 -2.63 1.28
CA CYS A 5 2.67 -2.86 1.66
C CYS A 5 2.67 -4.32 2.19
N LEU A 6 3.53 -5.08 1.55
CA LEU A 6 3.93 -6.43 1.98
C LEU A 6 5.39 -6.36 2.41
N TYR A 7 5.60 -6.57 3.71
CA TYR A 7 6.92 -6.50 4.35
C TYR A 7 7.61 -5.09 4.33
N GLY A 8 6.87 -4.08 4.79
CA GLY A 8 7.29 -2.67 4.69
C GLY A 8 7.23 -1.91 3.36
N SER A 9 7.06 -2.64 2.24
CA SER A 9 7.35 -2.14 0.91
C SER A 9 6.23 -1.22 0.30
N CYS A 10 6.25 -0.99 -1.03
CA CYS A 10 5.07 -0.46 -1.76
C CYS A 10 4.70 -1.44 -2.91
N ARG A 11 3.38 -1.56 -3.12
CA ARG A 11 2.76 -2.60 -3.97
C ARG A 11 1.46 -1.96 -4.54
N HYP A 12 1.36 -1.56 -5.84
CA HYP A 12 0.31 -0.63 -6.32
C HYP A 12 -1.10 -1.28 -6.47
O HYP A 12 -1.28 -2.28 -7.16
CB HYP A 12 0.87 -0.10 -7.65
CG HYP A 12 1.85 -1.19 -8.12
CD HYP A 12 2.44 -1.76 -6.83
OD1 HYP A 12 2.87 -0.67 -8.97
HA HYP A 12 0.27 0.24 -5.62
HB2 HYP A 12 0.08 0.16 -8.40
HB3 HYP A 12 1.45 0.85 -7.46
HG HYP A 12 1.31 -2.00 -8.67
HD22 HYP A 12 3.34 -1.21 -6.50
HD23 HYP A 12 2.71 -2.83 -6.93
HD1 HYP A 12 2.41 -0.31 -9.74
N PHE A 13 -2.06 -0.66 -5.77
CA PHE A 13 -3.47 -1.11 -5.71
C PHE A 13 -4.42 0.09 -5.52
N HYP A 14 -5.74 -0.09 -5.78
CA HYP A 14 -6.75 0.89 -5.39
C HYP A 14 -7.06 0.86 -3.86
O HYP A 14 -7.18 -0.19 -3.21
CB HYP A 14 -7.88 0.48 -6.30
CG HYP A 14 -7.80 -1.04 -6.45
CD HYP A 14 -6.32 -1.23 -6.52
OD1 HYP A 14 -8.48 -1.49 -7.62
HA HYP A 14 -6.42 1.88 -5.74
HB2 HYP A 14 -8.84 0.86 -5.95
HB3 HYP A 14 -7.64 0.98 -7.25
HG HYP A 14 -8.15 -1.56 -5.57
HD22 HYP A 14 -5.98 -2.20 -6.11
HD23 HYP A 14 -6.08 -1.17 -7.58
HD1 HYP A 14 -8.11 -1.01 -8.35
N GLY A 15 -6.81 2.05 -3.34
CA GLY A 15 -6.67 2.33 -1.92
C GLY A 15 -5.32 2.11 -1.19
N CYS A 16 -4.26 1.75 -1.92
CA CYS A 16 -2.89 1.61 -1.37
C CYS A 16 -2.08 2.93 -1.26
N TYR A 17 -2.04 3.71 -2.34
CA TYR A 17 -1.65 5.15 -2.31
C TYR A 17 -2.46 6.08 -1.33
N ASN A 18 -3.73 5.74 -0.98
CA ASN A 18 -4.39 6.26 0.25
C ASN A 18 -3.95 5.63 1.62
N ALA A 19 -3.44 4.39 1.64
CA ALA A 19 -3.08 3.66 2.88
C ALA A 19 -1.73 4.09 3.49
N LEU A 20 -1.65 3.88 4.83
CA LEU A 20 -0.73 4.67 5.68
C LEU A 20 0.79 4.37 5.52
N CYS A 21 1.20 3.10 5.31
CA CYS A 21 2.59 2.75 5.00
C CYS A 21 3.14 3.29 3.65
N CYS A 22 2.41 3.08 2.52
CA CYS A 22 2.77 3.71 1.23
C CYS A 22 1.87 4.96 1.05
N ARG A 23 2.24 6.01 1.81
CA ARG A 23 1.44 7.26 1.91
C ARG A 23 1.73 8.26 0.75
N LYS A 24 1.32 7.83 -0.45
CA LYS A 24 1.48 8.60 -1.71
C LYS A 24 0.18 9.39 -2.03
N NH2 A 25 -0.21 10.40 -1.26
HN1 NH2 A 25 0.29 10.57 -0.36
HN2 NH2 A 25 -1.13 10.75 -1.55
N GLY A 1 -9.27 -6.85 1.70
CA GLY A 1 -8.49 -6.79 0.45
C GLY A 1 -7.06 -7.30 0.48
N HYP A 2 -6.31 -7.17 -0.65
CA HYP A 2 -4.86 -7.37 -0.66
C HYP A 2 -4.02 -6.22 -0.01
O HYP A 2 -4.36 -5.05 -0.22
CB HYP A 2 -4.50 -7.59 -2.14
CG HYP A 2 -5.68 -6.98 -2.94
CD HYP A 2 -6.90 -6.96 -1.99
OD1 HYP A 2 -5.96 -7.76 -4.10
HA HYP A 2 -4.73 -8.29 -0.09
HB2 HYP A 2 -3.50 -7.17 -2.37
HB3 HYP A 2 -4.40 -8.69 -2.34
HG HYP A 2 -5.47 -5.95 -3.27
HD22 HYP A 2 -7.52 -6.03 -2.00
HD23 HYP A 2 -7.61 -7.75 -2.23
HD1 HYP A 2 -5.16 -7.73 -4.63
N HYP A 3 -2.85 -6.49 0.65
CA HYP A 3 -1.97 -5.44 1.23
C HYP A 3 -1.32 -4.49 0.19
O HYP A 3 -0.48 -4.85 -0.64
CB HYP A 3 -0.90 -6.28 1.96
CG HYP A 3 -1.47 -7.66 2.21
CD HYP A 3 -2.42 -7.85 1.03
OD1 HYP A 3 -2.21 -7.68 3.43
HA HYP A 3 -2.54 -4.85 1.98
HB2 HYP A 3 0.02 -6.35 1.35
HB3 HYP A 3 -0.57 -5.83 2.90
HG HYP A 3 -0.70 -8.45 2.24
HD22 HYP A 3 -3.25 -8.52 1.29
HD23 HYP A 3 -1.89 -8.30 0.18
HD1 HYP A 3 -2.87 -6.99 3.36
N CYS A 4 -1.55 -3.23 0.52
CA CYS A 4 -0.82 -2.05 0.05
C CYS A 4 0.71 -1.99 0.22
N CYS A 5 1.17 -2.42 1.39
CA CYS A 5 2.54 -2.73 1.66
C CYS A 5 2.51 -4.19 2.17
N LEU A 6 3.20 -5.00 1.41
CA LEU A 6 3.53 -6.39 1.77
C LEU A 6 5.06 -6.40 1.92
N TYR A 7 5.48 -6.77 3.12
CA TYR A 7 6.88 -6.73 3.56
C TYR A 7 7.51 -5.31 3.80
N GLY A 8 6.75 -4.42 4.44
CA GLY A 8 7.10 -2.99 4.55
C GLY A 8 7.11 -2.09 3.31
N SER A 9 6.88 -2.65 2.12
CA SER A 9 7.24 -2.03 0.84
C SER A 9 6.23 -0.94 0.34
N CYS A 10 6.36 -0.50 -0.93
CA CYS A 10 5.20 -0.05 -1.73
C CYS A 10 4.89 -1.14 -2.79
N ARG A 11 3.59 -1.43 -2.92
CA ARG A 11 3.07 -2.63 -3.60
C ARG A 11 1.71 -2.18 -4.21
N HYP A 12 1.60 -1.85 -5.52
CA HYP A 12 0.53 -0.95 -6.03
C HYP A 12 -0.87 -1.61 -6.16
O HYP A 12 -1.02 -2.68 -6.78
CB HYP A 12 1.09 -0.43 -7.37
CG HYP A 12 2.09 -1.50 -7.81
CD HYP A 12 2.70 -2.00 -6.49
OD1 HYP A 12 3.10 -0.96 -8.66
HA HYP A 12 0.46 -0.08 -5.34
HB2 HYP A 12 0.29 -0.22 -8.12
HB3 HYP A 12 1.62 0.53 -7.20
HG HYP A 12 1.60 -2.34 -8.32
HD22 HYP A 12 3.57 -1.40 -6.17
HD23 HYP A 12 3.02 -3.06 -6.56
HD1 HYP A 12 3.51 -0.25 -8.17
N PHE A 13 -1.85 -0.98 -5.51
CA PHE A 13 -3.25 -1.47 -5.42
C PHE A 13 -4.24 -0.30 -5.34
N HYP A 14 -5.56 -0.54 -5.60
CA HYP A 14 -6.60 0.45 -5.35
C HYP A 14 -6.95 0.61 -3.85
O HYP A 14 -7.07 -0.33 -3.07
CB HYP A 14 -7.70 -0.09 -6.23
CG HYP A 14 -7.57 -1.61 -6.21
CD HYP A 14 -6.08 -1.77 -6.23
OD1 HYP A 14 -8.21 -2.22 -7.32
HA HYP A 14 -6.28 1.40 -5.83
HB2 HYP A 14 -8.67 0.28 -5.93
HB3 HYP A 14 -7.46 0.30 -7.23
HG HYP A 14 -7.91 -2.06 -5.28
HD22 HYP A 14 -5.72 -2.68 -5.73
HD23 HYP A 14 -5.82 -1.80 -7.28
HD1 HYP A 14 -8.02 -3.16 -7.26
N GLY A 15 -6.74 1.87 -3.48
CA GLY A 15 -6.65 2.36 -2.10
C GLY A 15 -5.34 2.21 -1.29
N CYS A 16 -4.24 1.86 -1.96
CA CYS A 16 -2.89 1.74 -1.33
C CYS A 16 -2.10 3.07 -1.19
N TYR A 17 -2.03 3.83 -2.29
CA TYR A 17 -1.68 5.28 -2.28
C TYR A 17 -2.51 6.20 -1.29
N ASN A 18 -3.77 5.86 -0.96
CA ASN A 18 -4.47 6.38 0.26
C ASN A 18 -4.03 5.78 1.64
N ALA A 19 -3.53 4.53 1.68
CA ALA A 19 -3.16 3.80 2.93
C ALA A 19 -1.76 4.18 3.48
N LEU A 20 -1.61 3.94 4.79
CA LEU A 20 -0.69 4.75 5.63
C LEU A 20 0.83 4.45 5.44
N CYS A 21 1.27 3.18 5.33
CA CYS A 21 2.66 2.84 5.01
C CYS A 21 3.21 3.38 3.65
N CYS A 22 2.47 3.17 2.53
CA CYS A 22 2.80 3.84 1.24
C CYS A 22 1.86 5.06 1.10
N ARG A 23 2.21 6.12 1.87
CA ARG A 23 1.43 7.37 1.94
C ARG A 23 1.70 8.35 0.76
N LYS A 24 1.32 7.89 -0.44
CA LYS A 24 1.54 8.62 -1.72
C LYS A 24 0.26 9.41 -2.13
N NH2 A 25 -0.19 10.42 -1.39
HN1 NH2 A 25 0.25 10.59 -0.47
HN2 NH2 A 25 -1.06 10.82 -1.77
N GLY A 1 -8.55 -7.43 -0.59
CA GLY A 1 -7.36 -8.12 -1.15
C GLY A 1 -6.09 -8.14 -0.29
N HYP A 2 -4.91 -8.43 -0.91
CA HYP A 2 -3.63 -8.39 -0.21
C HYP A 2 -3.16 -6.96 0.25
O HYP A 2 -3.55 -5.97 -0.39
CB HYP A 2 -2.63 -9.06 -1.18
CG HYP A 2 -3.48 -9.80 -2.24
CD HYP A 2 -4.83 -9.06 -2.25
OD1 HYP A 2 -3.71 -11.13 -1.77
HA HYP A 2 -3.80 -9.03 0.65
HB2 HYP A 2 -1.98 -8.26 -1.60
HB3 HYP A 2 -1.94 -9.78 -0.68
HG HYP A 2 -2.99 -9.91 -3.23
HD22 HYP A 2 -5.66 -9.76 -2.44
HD23 HYP A 2 -4.96 -8.26 -3.00
HD1 HYP A 2 -4.12 -11.05 -0.91
N HYP A 3 -2.25 -6.82 1.27
CA HYP A 3 -1.65 -5.53 1.69
C HYP A 3 -0.99 -4.67 0.57
O HYP A 3 -0.07 -5.08 -0.15
CB HYP A 3 -0.62 -6.00 2.75
CG HYP A 3 -1.11 -7.34 3.29
CD HYP A 3 -1.81 -7.95 2.10
OD1 HYP A 3 -2.03 -7.13 4.36
HA HYP A 3 -2.40 -4.90 2.23
HB2 HYP A 3 0.38 -6.08 2.29
HB3 HYP A 3 -0.49 -5.31 3.58
HG HYP A 3 -0.27 -7.96 3.65
HD22 HYP A 3 -2.65 -8.59 2.40
HD23 HYP A 3 -1.10 -8.56 1.53
HD1 HYP A 3 -2.73 -6.58 4.00
N CYS A 4 -1.42 -3.41 0.63
CA CYS A 4 -0.74 -2.22 0.06
C CYS A 4 0.80 -2.11 0.12
N CYS A 5 1.32 -2.36 1.32
CA CYS A 5 2.73 -2.56 1.56
C CYS A 5 2.83 -4.04 1.99
N LEU A 6 3.51 -4.75 1.11
CA LEU A 6 3.92 -6.14 1.33
C LEU A 6 5.37 -6.08 1.86
N TYR A 7 5.56 -6.74 2.99
CA TYR A 7 6.84 -6.75 3.73
C TYR A 7 7.41 -5.36 4.16
N GLY A 8 6.52 -4.50 4.66
CA GLY A 8 6.78 -3.06 4.83
C GLY A 8 6.85 -2.12 3.62
N SER A 9 7.01 -2.63 2.39
CA SER A 9 7.59 -1.84 1.27
C SER A 9 6.49 -1.04 0.48
N CYS A 10 6.32 -1.22 -0.84
CA CYS A 10 5.17 -0.63 -1.60
C CYS A 10 4.81 -1.52 -2.82
N ARG A 11 3.50 -1.55 -3.10
CA ARG A 11 2.84 -2.50 -4.02
C ARG A 11 1.49 -1.81 -4.44
N HYP A 12 1.29 -1.29 -5.69
CA HYP A 12 0.12 -0.44 -6.03
C HYP A 12 -1.20 -1.25 -6.25
O HYP A 12 -1.56 -1.62 -7.37
CB HYP A 12 0.60 0.34 -7.27
CG HYP A 12 1.66 -0.57 -7.91
CD HYP A 12 2.33 -1.28 -6.73
OD1 HYP A 12 2.60 0.19 -8.68
HA HYP A 12 -0.04 0.30 -5.22
HB2 HYP A 12 -0.23 0.64 -7.95
HB3 HYP A 12 1.08 1.29 -6.93
HG HYP A 12 1.19 -1.33 -8.56
HD22 HYP A 12 3.22 -0.72 -6.37
HD23 HYP A 12 2.66 -2.30 -7.00
HD1 HYP A 12 3.23 -0.46 -9.01
N PHE A 13 -1.98 -1.32 -5.17
CA PHE A 13 -3.42 -1.66 -5.19
C PHE A 13 -4.31 -0.40 -5.26
N HYP A 14 -5.61 -0.55 -5.58
CA HYP A 14 -6.58 0.53 -5.40
C HYP A 14 -6.98 0.75 -3.92
O HYP A 14 -7.21 -0.18 -3.13
CB HYP A 14 -7.69 0.05 -6.32
CG HYP A 14 -7.69 -1.47 -6.24
CD HYP A 14 -6.21 -1.76 -6.18
OD1 HYP A 14 -8.33 -2.07 -7.37
HA HYP A 14 -6.18 1.44 -5.87
HB2 HYP A 14 -8.63 0.52 -6.08
HB3 HYP A 14 -7.35 0.38 -7.31
HG HYP A 14 -8.11 -1.86 -5.32
HD22 HYP A 14 -5.96 -2.68 -5.62
HD23 HYP A 14 -5.91 -1.86 -7.22
HD1 HYP A 14 -9.25 -1.79 -7.31
N GLY A 15 -6.68 1.98 -3.55
CA GLY A 15 -6.58 2.46 -2.17
C GLY A 15 -5.30 2.23 -1.33
N CYS A 16 -4.22 1.76 -1.97
CA CYS A 16 -2.88 1.64 -1.33
C CYS A 16 -2.06 2.96 -1.22
N TYR A 17 -2.02 3.71 -2.32
CA TYR A 17 -1.65 5.16 -2.33
C TYR A 17 -2.42 6.09 -1.32
N ASN A 18 -3.70 5.80 -0.97
CA ASN A 18 -4.36 6.36 0.25
C ASN A 18 -3.94 5.73 1.63
N ALA A 19 -3.48 4.46 1.66
CA ALA A 19 -3.12 3.74 2.90
C ALA A 19 -1.75 4.15 3.49
N LEU A 20 -1.64 3.98 4.81
CA LEU A 20 -0.74 4.80 5.64
C LEU A 20 0.78 4.53 5.48
N CYS A 21 1.23 3.27 5.32
CA CYS A 21 2.63 2.95 5.01
C CYS A 21 3.15 3.46 3.63
N CYS A 22 2.42 3.21 2.52
CA CYS A 22 2.77 3.79 1.19
C CYS A 22 1.85 5.00 0.96
N ARG A 23 2.16 6.10 1.68
CA ARG A 23 1.33 7.33 1.73
C ARG A 23 1.59 8.29 0.53
N LYS A 24 1.30 7.80 -0.67
CA LYS A 24 1.52 8.52 -1.96
C LYS A 24 0.23 9.31 -2.39
N NH2 A 25 -0.24 10.30 -1.65
HN1 NH2 A 25 0.17 10.46 -0.71
HN2 NH2 A 25 -1.12 10.69 -2.02
N GLY A 1 -8.97 -6.91 -0.98
CA GLY A 1 -7.78 -7.53 -1.58
C GLY A 1 -6.48 -7.46 -0.78
N HYP A 2 -5.32 -7.89 -1.35
CA HYP A 2 -4.05 -8.03 -0.60
C HYP A 2 -3.45 -6.69 -0.03
O HYP A 2 -3.73 -5.63 -0.62
CB HYP A 2 -3.09 -8.71 -1.60
CG HYP A 2 -3.97 -9.31 -2.72
CD HYP A 2 -5.25 -8.45 -2.72
OD1 HYP A 2 -4.33 -10.65 -2.36
HA HYP A 2 -4.26 -8.74 0.23
HB2 HYP A 2 -2.36 -7.96 -1.94
HB3 HYP A 2 -2.49 -9.54 -1.14
HG HYP A 2 -3.46 -9.37 -3.72
HD22 HYP A 2 -6.13 -9.06 -2.98
HD23 HYP A 2 -5.29 -7.59 -3.41
HD1 HYP A 2 -3.50 -11.14 -2.32
N HYP A 3 -2.54 -6.69 0.98
CA HYP A 3 -1.84 -5.49 1.50
C HYP A 3 -1.13 -4.59 0.44
O HYP A 3 -0.23 -4.99 -0.29
CB HYP A 3 -0.83 -6.13 2.48
CG HYP A 3 -1.46 -7.42 2.98
CD HYP A 3 -2.21 -7.91 1.75
OD1 HYP A 3 -2.38 -7.16 4.05
HA HYP A 3 -2.54 -4.87 2.11
HB2 HYP A 3 0.12 -6.31 1.97
HB3 HYP A 3 -0.54 -5.51 3.34
HG HYP A 3 -0.71 -8.15 3.33
HD22 HYP A 3 -3.11 -8.49 2.01
HD23 HYP A 3 -1.56 -8.55 1.16
HD1 HYP A 3 -1.85 -6.80 4.76
N CYS A 4 -1.52 -3.33 0.58
CA CYS A 4 -0.82 -2.15 0.08
C CYS A 4 0.72 -2.07 0.20
N CYS A 5 1.18 -2.35 1.41
CA CYS A 5 2.58 -2.53 1.73
C CYS A 5 2.69 -4.01 2.12
N LEU A 6 3.35 -4.68 1.21
CA LEU A 6 3.70 -6.09 1.29
C LEU A 6 5.20 -6.14 1.66
N TYR A 7 5.43 -6.72 2.83
CA TYR A 7 6.73 -6.71 3.52
C TYR A 7 7.30 -5.31 3.91
N GLY A 8 6.44 -4.48 4.51
CA GLY A 8 6.73 -3.04 4.72
C GLY A 8 6.70 -2.06 3.53
N SER A 9 6.80 -2.56 2.29
CA SER A 9 7.36 -1.76 1.16
C SER A 9 6.25 -0.97 0.36
N CYS A 10 6.37 -0.84 -0.98
CA CYS A 10 5.34 -0.22 -1.85
C CYS A 10 4.96 -1.26 -2.95
N ARG A 11 3.66 -1.59 -2.99
CA ARG A 11 3.11 -2.68 -3.82
C ARG A 11 1.75 -2.14 -4.39
N HYP A 12 1.57 -1.88 -5.72
CA HYP A 12 0.46 -1.03 -6.21
C HYP A 12 -0.93 -1.73 -6.19
O HYP A 12 -1.14 -2.78 -6.80
CB HYP A 12 0.93 -0.62 -7.62
CG HYP A 12 1.88 -1.75 -8.05
CD HYP A 12 2.58 -2.15 -6.74
OD1 HYP A 12 2.82 -1.30 -9.01
HA HYP A 12 0.43 -0.10 -5.60
HB2 HYP A 12 0.09 -0.45 -8.33
HB3 HYP A 12 1.51 0.33 -7.56
HG HYP A 12 1.33 -2.63 -8.45
HD22 HYP A 12 3.49 -1.56 -6.54
HD23 HYP A 12 2.89 -3.23 -6.74
HD1 HYP A 12 3.29 -0.56 -8.62
N PHE A 13 -1.85 -1.11 -5.44
CA PHE A 13 -3.25 -1.57 -5.27
C PHE A 13 -4.22 -0.38 -5.23
N HYP A 14 -5.55 -0.62 -5.46
CA HYP A 14 -6.56 0.40 -5.25
C HYP A 14 -6.89 0.65 -3.76
O HYP A 14 -7.04 -0.27 -2.93
CB HYP A 14 -7.68 -0.16 -6.10
CG HYP A 14 -7.58 -1.68 -6.00
CD HYP A 14 -6.09 -1.87 -6.02
OD1 HYP A 14 -8.25 -2.33 -7.07
HA HYP A 14 -6.23 1.32 -5.77
HB2 HYP A 14 -8.64 0.25 -5.81
HB3 HYP A 14 -7.45 0.17 -7.12
HG HYP A 14 -7.93 -2.08 -5.04
HD22 HYP A 14 -5.75 -2.77 -5.47
HD23 HYP A 14 -5.85 -1.96 -7.07
HD1 HYP A 14 -7.87 -1.97 -7.88
N GLY A 15 -6.67 1.91 -3.46
CA GLY A 15 -6.55 2.45 -2.10
C GLY A 15 -5.27 2.25 -1.27
N CYS A 16 -4.16 1.88 -1.92
CA CYS A 16 -2.84 1.74 -1.28
C CYS A 16 -2.04 3.06 -1.10
N TYR A 17 -1.93 3.82 -2.20
CA TYR A 17 -1.63 5.29 -2.19
C TYR A 17 -2.47 6.20 -1.21
N ASN A 18 -3.74 5.85 -0.89
CA ASN A 18 -4.44 6.39 0.33
C ASN A 18 -4.02 5.77 1.71
N ALA A 19 -3.56 4.50 1.74
CA ALA A 19 -3.18 3.78 2.98
C ALA A 19 -1.80 4.17 3.52
N LEU A 20 -1.64 3.96 4.84
CA LEU A 20 -0.75 4.79 5.69
C LEU A 20 0.79 4.58 5.49
N CYS A 21 1.24 3.32 5.34
CA CYS A 21 2.64 2.99 5.04
C CYS A 21 3.16 3.45 3.64
N CYS A 22 2.48 3.11 2.53
CA CYS A 22 2.85 3.63 1.18
C CYS A 22 1.84 4.74 0.81
N ARG A 23 1.93 5.88 1.54
CA ARG A 23 0.96 6.99 1.41
C ARG A 23 1.41 7.99 0.31
N LYS A 24 1.36 7.49 -0.94
CA LYS A 24 1.89 8.18 -2.13
C LYS A 24 0.70 8.81 -2.91
N NH2 A 25 0.63 8.63 -4.21
HN1 NH2 A 25 1.44 8.10 -4.57
HN2 NH2 A 25 -0.33 8.60 -4.55
N GLY A 1 -9.24 -6.91 1.61
CA GLY A 1 -8.45 -6.83 0.37
C GLY A 1 -6.99 -7.34 0.43
N HYP A 2 -6.23 -7.20 -0.68
CA HYP A 2 -4.77 -7.38 -0.66
C HYP A 2 -3.96 -6.20 0.00
O HYP A 2 -4.32 -5.05 -0.24
CB HYP A 2 -4.39 -7.61 -2.13
CG HYP A 2 -5.55 -7.01 -2.96
CD HYP A 2 -6.78 -6.99 -2.03
OD1 HYP A 2 -5.79 -7.79 -4.12
HA HYP A 2 -4.64 -8.29 -0.08
HB2 HYP A 2 -3.38 -7.18 -2.35
HB3 HYP A 2 -4.27 -8.70 -2.32
HG HYP A 2 -5.34 -5.98 -3.28
HD22 HYP A 2 -7.42 -6.08 -2.06
HD23 HYP A 2 -7.49 -7.79 -2.29
HD1 HYP A 2 -5.99 -8.67 -3.81
N HYP A 3 -2.80 -6.46 0.68
CA HYP A 3 -1.92 -5.40 1.23
C HYP A 3 -1.27 -4.47 0.16
O HYP A 3 -0.44 -4.85 -0.65
CB HYP A 3 -0.85 -6.20 1.99
CG HYP A 3 -1.43 -7.59 2.26
CD HYP A 3 -2.36 -7.80 1.07
OD1 HYP A 3 -2.17 -7.59 3.48
HA HYP A 3 -2.50 -4.78 1.97
HB2 HYP A 3 0.07 -6.28 1.40
HB3 HYP A 3 -0.55 -5.73 2.93
HG HYP A 3 -0.64 -8.37 2.31
HD22 HYP A 3 -3.18 -8.49 1.33
HD23 HYP A 3 -1.80 -8.26 0.24
HD1 HYP A 3 -2.55 -8.47 3.56
N CYS A 4 -1.50 -3.20 0.47
CA CYS A 4 -0.74 -2.04 0.00
C CYS A 4 0.79 -2.05 0.17
N CYS A 5 1.22 -2.36 1.39
CA CYS A 5 2.60 -2.67 1.70
C CYS A 5 2.55 -4.11 2.26
N LEU A 6 3.21 -4.92 1.49
CA LEU A 6 3.54 -6.32 1.81
C LEU A 6 5.06 -6.31 2.05
N TYR A 7 5.42 -6.86 3.20
CA TYR A 7 6.78 -6.86 3.74
C TYR A 7 7.42 -5.46 4.05
N GLY A 8 6.60 -4.54 4.59
CA GLY A 8 6.95 -3.12 4.68
C GLY A 8 6.96 -2.23 3.43
N SER A 9 6.99 -2.82 2.21
CA SER A 9 7.52 -2.10 1.02
C SER A 9 6.42 -1.25 0.29
N CYS A 10 6.56 -0.99 -1.02
CA CYS A 10 5.51 -0.29 -1.82
C CYS A 10 5.10 -1.21 -3.00
N ARG A 11 3.80 -1.58 -3.02
CA ARG A 11 3.23 -2.60 -3.92
C ARG A 11 1.86 -2.04 -4.40
N HYP A 12 1.66 -1.57 -5.67
CA HYP A 12 0.51 -0.70 -6.04
C HYP A 12 -0.85 -1.44 -6.16
O HYP A 12 -0.98 -2.48 -6.81
CB HYP A 12 0.96 -0.06 -7.38
CG HYP A 12 1.99 -1.04 -7.96
CD HYP A 12 2.70 -1.62 -6.72
OD1 HYP A 12 2.92 -0.37 -8.81
HA HYP A 12 0.44 0.11 -5.29
HB2 HYP A 12 0.11 0.16 -8.06
HB3 HYP A 12 1.45 0.92 -7.16
HG HYP A 12 1.50 -1.86 -8.51
HD22 HYP A 12 3.57 -1.01 -6.42
HD23 HYP A 12 3.04 -2.65 -6.90
HD1 HYP A 12 3.32 0.31 -8.28
N PHE A 13 -1.85 -0.85 -5.49
CA PHE A 13 -3.24 -1.37 -5.42
C PHE A 13 -4.25 -0.21 -5.33
N HYP A 14 -5.56 -0.47 -5.60
CA HYP A 14 -6.62 0.48 -5.31
C HYP A 14 -6.96 0.58 -3.80
O HYP A 14 -7.06 -0.40 -3.05
CB HYP A 14 -7.71 -0.05 -6.21
CG HYP A 14 -7.56 -1.57 -6.23
CD HYP A 14 -6.05 -1.70 -6.26
OD1 HYP A 14 -8.19 -2.16 -7.36
HA HYP A 14 -6.32 1.45 -5.75
HB2 HYP A 14 -8.69 0.29 -5.90
HB3 HYP A 14 -7.48 0.38 -7.19
HG HYP A 14 -7.89 -2.05 -5.32
HD22 HYP A 14 -5.68 -2.62 -5.79
HD23 HYP A 14 -5.80 -1.69 -7.32
HD1 HYP A 14 -7.82 -1.71 -8.14
N GLY A 15 -6.79 1.83 -3.39
CA GLY A 15 -6.68 2.26 -1.99
C GLY A 15 -5.36 2.12 -1.20
N CYS A 16 -4.26 1.82 -1.89
CA CYS A 16 -2.90 1.75 -1.29
C CYS A 16 -2.18 3.12 -1.13
N TYR A 17 -2.17 3.91 -2.20
CA TYR A 17 -1.90 5.38 -2.17
C TYR A 17 -2.78 6.25 -1.18
N ASN A 18 -4.01 5.83 -0.82
CA ASN A 18 -4.71 6.32 0.41
C ASN A 18 -4.23 5.69 1.77
N ALA A 19 -3.69 4.46 1.77
CA ALA A 19 -3.24 3.73 2.99
C ALA A 19 -1.83 4.15 3.47
N LEU A 20 -1.59 3.87 4.77
CA LEU A 20 -0.71 4.71 5.61
C LEU A 20 0.81 4.59 5.32
N CYS A 21 1.33 3.35 5.18
CA CYS A 21 2.74 3.09 4.82
C CYS A 21 3.25 3.67 3.46
N CYS A 22 2.58 3.35 2.34
CA CYS A 22 2.94 3.92 1.03
C CYS A 22 1.81 4.89 0.60
N ARG A 23 1.76 6.03 1.34
CA ARG A 23 0.69 7.04 1.17
C ARG A 23 1.08 8.10 0.09
N LYS A 24 1.14 7.61 -1.16
CA LYS A 24 1.61 8.41 -2.33
C LYS A 24 0.36 8.93 -3.10
N NH2 A 25 0.32 8.77 -4.42
HN1 NH2 A 25 1.19 8.33 -4.78
HN2 NH2 A 25 -0.64 8.65 -4.77
N GLY A 1 -8.93 -4.06 -0.68
CA GLY A 1 -8.16 -5.00 -1.54
C GLY A 1 -7.02 -5.77 -0.87
N HYP A 2 -6.11 -6.37 -1.69
CA HYP A 2 -4.85 -6.92 -1.19
C HYP A 2 -3.83 -5.87 -0.63
O HYP A 2 -3.89 -4.70 -1.05
CB HYP A 2 -4.30 -7.73 -2.39
CG HYP A 2 -5.43 -7.81 -3.43
CD HYP A 2 -6.33 -6.60 -3.14
OD1 HYP A 2 -6.18 -9.00 -3.19
HA HYP A 2 -5.16 -7.60 -0.40
HB2 HYP A 2 -3.39 -7.20 -2.75
HB3 HYP A 2 -3.97 -8.75 -2.11
HG HYP A 2 -5.09 -7.88 -4.49
HD22 HYP A 2 -7.39 -6.80 -3.37
HD23 HYP A 2 -6.09 -5.65 -3.66
HD1 HYP A 2 -6.49 -8.94 -2.28
N HYP A 3 -2.85 -6.24 0.25
CA HYP A 3 -1.87 -5.30 0.86
C HYP A 3 -1.09 -4.36 -0.11
O HYP A 3 -0.28 -4.73 -0.95
CB HYP A 3 -0.91 -6.27 1.57
CG HYP A 3 -1.78 -7.46 2.01
CD HYP A 3 -2.77 -7.57 0.85
OD1 HYP A 3 -2.47 -7.13 3.21
HA HYP A 3 -2.40 -4.71 1.64
HB2 HYP A 3 -0.12 -6.55 0.86
HB3 HYP A 3 -0.34 -5.89 2.42
HG HYP A 3 -1.22 -8.38 2.15
HD22 HYP A 3 -3.76 -7.94 1.18
HD23 HYP A 3 -2.39 -8.28 0.12
HD1 HYP A 3 -2.96 -6.33 3.04
N CYS A 4 -1.29 -3.11 0.26
CA CYS A 4 -0.53 -1.93 -0.18
C CYS A 4 0.99 -1.88 0.05
N CYS A 5 1.40 -2.39 1.21
CA CYS A 5 2.77 -2.62 1.58
C CYS A 5 2.78 -4.09 2.07
N LEU A 6 3.52 -4.84 1.29
CA LEU A 6 3.80 -6.26 1.51
C LEU A 6 5.25 -6.33 1.99
N TYR A 7 5.37 -6.77 3.25
CA TYR A 7 6.63 -6.79 4.01
C TYR A 7 7.31 -5.41 4.26
N GLY A 8 6.50 -4.47 4.77
CA GLY A 8 6.90 -3.04 4.87
C GLY A 8 6.99 -2.17 3.61
N SER A 9 7.11 -2.77 2.41
CA SER A 9 7.71 -2.06 1.25
C SER A 9 6.64 -1.23 0.47
N CYS A 10 6.53 -1.34 -0.87
CA CYS A 10 5.40 -0.74 -1.63
C CYS A 10 5.00 -1.62 -2.83
N ARG A 11 3.68 -1.64 -3.06
CA ARG A 11 2.99 -2.71 -3.80
C ARG A 11 1.66 -2.07 -4.33
N HYP A 12 1.52 -1.69 -5.63
CA HYP A 12 0.45 -0.75 -6.09
C HYP A 12 -0.95 -1.41 -6.22
O HYP A 12 -1.13 -2.43 -6.87
CB HYP A 12 0.99 -0.21 -7.42
CG HYP A 12 1.97 -1.29 -7.92
CD HYP A 12 2.57 -1.88 -6.65
OD1 HYP A 12 2.97 -0.75 -8.77
HA HYP A 12 0.41 0.10 -5.38
HB2 HYP A 12 0.19 0.05 -8.15
HB3 HYP A 12 1.57 0.73 -7.23
HG HYP A 12 1.43 -2.10 -8.46
HD22 HYP A 12 3.50 -1.36 -6.33
HD23 HYP A 12 2.83 -2.95 -6.76
HD1 HYP A 12 3.55 -1.47 -9.00
N PHE A 13 -1.92 -0.76 -5.56
CA PHE A 13 -3.34 -1.21 -5.51
C PHE A 13 -4.31 -0.02 -5.38
N HYP A 14 -5.63 -0.23 -5.67
CA HYP A 14 -6.66 0.73 -5.31
C HYP A 14 -6.97 0.74 -3.79
O HYP A 14 -7.06 -0.29 -3.11
CB HYP A 14 -7.77 0.28 -6.22
CG HYP A 14 -7.67 -1.24 -6.32
CD HYP A 14 -6.16 -1.41 -6.37
OD1 HYP A 14 -8.32 -1.75 -7.48
HA HYP A 14 -6.34 1.72 -5.68
HB2 HYP A 14 -8.74 0.64 -5.88
HB3 HYP A 14 -7.53 0.75 -7.18
HG HYP A 14 -8.01 -1.75 -5.43
HD22 HYP A 14 -5.83 -2.36 -5.92
HD23 HYP A 14 -5.93 -1.38 -7.42
HD1 HYP A 14 -7.94 -1.28 -8.23
N GLY A 15 -6.76 1.95 -3.29
CA GLY A 15 -6.63 2.28 -1.88
C GLY A 15 -5.29 2.07 -1.14
N CYS A 16 -4.19 1.90 -1.88
CA CYS A 16 -2.82 1.81 -1.32
C CYS A 16 -2.12 3.19 -1.10
N TYR A 17 -2.12 4.02 -2.15
CA TYR A 17 -1.95 5.50 -2.04
C TYR A 17 -2.96 6.29 -1.13
N ASN A 18 -4.12 5.72 -0.73
CA ASN A 18 -4.87 6.13 0.49
C ASN A 18 -4.40 5.49 1.85
N ALA A 19 -3.76 4.30 1.82
CA ALA A 19 -3.26 3.59 3.03
C ALA A 19 -1.85 4.06 3.46
N LEU A 20 -1.60 3.91 4.77
CA LEU A 20 -0.65 4.80 5.50
C LEU A 20 0.85 4.64 5.13
N CYS A 21 1.35 3.40 5.04
CA CYS A 21 2.75 3.09 4.68
C CYS A 21 3.25 3.51 3.25
N CYS A 22 2.45 3.28 2.20
CA CYS A 22 2.75 3.77 0.82
C CYS A 22 1.75 4.87 0.39
N ARG A 23 1.51 5.84 1.28
CA ARG A 23 0.51 6.91 1.03
C ARG A 23 0.96 7.96 -0.02
N LYS A 24 2.14 8.58 0.20
CA LYS A 24 2.70 9.62 -0.71
C LYS A 24 4.23 9.37 -0.82
N NH2 A 25 5.05 10.40 -0.71
HN1 NH2 A 25 4.56 11.30 -0.63
HN2 NH2 A 25 5.96 10.13 -0.30
N GLY A 1 -9.00 -4.40 -0.57
CA GLY A 1 -8.20 -5.29 -1.43
C GLY A 1 -7.04 -6.02 -0.77
N HYP A 2 -6.10 -6.57 -1.59
CA HYP A 2 -4.82 -7.09 -1.11
C HYP A 2 -3.83 -6.00 -0.53
O HYP A 2 -3.94 -4.85 -0.94
CB HYP A 2 -4.23 -7.87 -2.31
CG HYP A 2 -5.36 -7.97 -3.36
CD HYP A 2 -6.30 -6.79 -3.05
OD1 HYP A 2 -6.07 -9.19 -3.15
HA HYP A 2 -5.11 -7.79 -0.32
HB2 HYP A 2 -3.34 -7.30 -2.67
HB3 HYP A 2 -3.89 -8.88 -2.03
HG HYP A 2 -5.00 -8.00 -4.43
HD22 HYP A 2 -7.34 -7.03 -3.30
HD23 HYP A 2 -6.10 -5.82 -3.56
HD1 HYP A 2 -6.38 -9.15 -2.24
N HYP A 3 -2.84 -6.35 0.34
CA HYP A 3 -1.87 -5.39 0.94
C HYP A 3 -1.13 -4.43 -0.02
O HYP A 3 -0.32 -4.80 -0.88
CB HYP A 3 -0.89 -6.34 1.66
CG HYP A 3 -1.74 -7.54 2.09
CD HYP A 3 -2.72 -7.69 0.95
OD1 HYP A 3 -2.43 -7.24 3.30
HA HYP A 3 -2.42 -4.80 1.73
HB2 HYP A 3 -0.10 -6.60 0.94
HB3 HYP A 3 -0.32 -5.94 2.50
HG HYP A 3 -1.15 -8.46 2.24
HD22 HYP A 3 -3.70 -8.08 1.27
HD23 HYP A 3 -2.32 -8.38 0.20
HD1 HYP A 3 -2.99 -7.99 3.48
N CYS A 4 -1.34 -3.19 0.33
CA CYS A 4 -0.60 -2.00 -0.12
C CYS A 4 0.92 -1.95 0.09
N CYS A 5 1.34 -2.43 1.26
CA CYS A 5 2.73 -2.63 1.60
C CYS A 5 2.76 -4.11 2.08
N LEU A 6 3.50 -4.83 1.29
CA LEU A 6 3.82 -6.25 1.50
C LEU A 6 5.29 -6.28 1.94
N TYR A 7 5.47 -6.72 3.19
CA TYR A 7 6.75 -6.70 3.91
C TYR A 7 7.39 -5.30 4.15
N GLY A 8 6.59 -4.38 4.69
CA GLY A 8 6.95 -2.95 4.79
C GLY A 8 6.95 -2.07 3.54
N SER A 9 7.05 -2.66 2.34
CA SER A 9 7.62 -1.92 1.15
C SER A 9 6.51 -1.14 0.39
N CYS A 10 6.44 -1.19 -0.96
CA CYS A 10 5.29 -0.64 -1.73
C CYS A 10 4.87 -1.64 -2.84
N ARG A 11 3.56 -1.69 -3.05
CA ARG A 11 2.88 -2.78 -3.80
C ARG A 11 1.57 -2.13 -4.36
N HYP A 12 1.54 -1.56 -5.60
CA HYP A 12 0.42 -0.66 -6.05
C HYP A 12 -0.97 -1.34 -6.18
O HYP A 12 -1.15 -2.29 -6.95
CB HYP A 12 0.94 -0.09 -7.39
CG HYP A 12 2.47 -0.24 -7.35
CD HYP A 12 2.72 -1.47 -6.46
OD1 HYP A 12 3.04 0.91 -6.72
HA HYP A 12 0.38 0.18 -5.32
HB2 HYP A 12 0.49 -0.64 -8.24
HB3 HYP A 12 0.66 0.98 -7.51
HG HYP A 12 2.94 -0.34 -8.35
HD22 HYP A 12 2.81 -2.40 -7.05
HD23 HYP A 12 3.66 -1.37 -5.89
HD1 HYP A 12 2.82 1.66 -7.29
N PHE A 13 -1.93 -0.82 -5.41
CA PHE A 13 -3.35 -1.28 -5.42
C PHE A 13 -4.32 -0.09 -5.32
N HYP A 14 -5.63 -0.30 -5.63
CA HYP A 14 -6.66 0.68 -5.31
C HYP A 14 -7.01 0.74 -3.80
O HYP A 14 -7.14 -0.27 -3.09
CB HYP A 14 -7.77 0.22 -6.23
CG HYP A 14 -7.66 -1.30 -6.31
CD HYP A 14 -6.16 -1.48 -6.34
OD1 HYP A 14 -8.30 -1.83 -7.47
HA HYP A 14 -6.35 1.66 -5.71
HB2 HYP A 14 -8.74 0.58 -5.90
HB3 HYP A 14 -7.51 0.67 -7.19
HG HYP A 14 -8.01 -1.81 -5.41
HD22 HYP A 14 -5.83 -2.43 -5.90
HD23 HYP A 14 -5.90 -1.44 -7.39
HD1 HYP A 14 -8.11 -2.77 -7.48
N GLY A 15 -6.75 1.95 -3.34
CA GLY A 15 -6.61 2.32 -1.93
C GLY A 15 -5.29 2.10 -1.18
N CYS A 16 -4.18 1.87 -1.89
CA CYS A 16 -2.83 1.75 -1.32
C CYS A 16 -2.08 3.10 -1.13
N TYR A 17 -1.99 3.88 -2.21
CA TYR A 17 -1.74 5.35 -2.16
C TYR A 17 -2.65 6.21 -1.21
N ASN A 18 -3.89 5.78 -0.90
CA ASN A 18 -4.65 6.25 0.30
C ASN A 18 -4.22 5.62 1.69
N ALA A 19 -3.68 4.39 1.71
CA ALA A 19 -3.23 3.69 2.93
C ALA A 19 -1.86 4.17 3.46
N LEU A 20 -1.66 3.91 4.76
CA LEU A 20 -0.77 4.73 5.61
C LEU A 20 0.75 4.55 5.34
N CYS A 21 1.24 3.29 5.20
CA CYS A 21 2.63 2.99 4.86
C CYS A 21 3.14 3.47 3.47
N CYS A 22 2.46 3.12 2.35
CA CYS A 22 2.81 3.64 1.01
C CYS A 22 1.79 4.73 0.63
N ARG A 23 1.85 5.86 1.37
CA ARG A 23 0.88 6.96 1.20
C ARG A 23 1.34 7.95 0.09
N LYS A 24 1.28 7.44 -1.14
CA LYS A 24 1.84 8.10 -2.35
C LYS A 24 0.68 8.87 -3.07
N NH2 A 25 0.51 8.68 -4.37
HN1 NH2 A 25 1.25 8.07 -4.76
HN2 NH2 A 25 -0.47 8.75 -4.66
N GLY A 1 -8.80 -7.10 -1.08
CA GLY A 1 -7.57 -7.69 -1.64
C GLY A 1 -6.29 -7.56 -0.78
N HYP A 2 -5.10 -7.96 -1.31
CA HYP A 2 -3.86 -8.04 -0.51
C HYP A 2 -3.33 -6.67 0.06
O HYP A 2 -3.62 -5.62 -0.54
CB HYP A 2 -2.84 -8.69 -1.47
CG HYP A 2 -3.65 -9.34 -2.61
CD HYP A 2 -4.96 -8.53 -2.66
OD1 HYP A 2 -3.97 -10.68 -2.24
HA HYP A 2 -4.08 -8.75 0.31
HB2 HYP A 2 -2.14 -7.90 -1.80
HB3 HYP A 2 -2.22 -9.47 -0.97
HG HYP A 2 -3.11 -9.40 -3.58
HD22 HYP A 2 -5.81 -9.18 -2.94
HD23 HYP A 2 -5.03 -7.69 -3.37
HD1 HYP A 2 -4.51 -11.03 -2.95
N HYP A 3 -2.44 -6.64 1.10
CA HYP A 3 -1.76 -5.42 1.60
C HYP A 3 -1.05 -4.55 0.52
O HYP A 3 -0.14 -4.98 -0.20
CB HYP A 3 -0.77 -6.00 2.64
CG HYP A 3 -1.39 -7.31 3.13
CD HYP A 3 -2.10 -7.83 1.90
OD1 HYP A 3 -2.33 -7.04 4.17
HA HYP A 3 -2.48 -4.77 2.16
HB2 HYP A 3 0.21 -6.16 2.16
HB3 HYP A 3 -0.56 -5.35 3.48
HG HYP A 3 -0.62 -8.01 3.50
HD22 HYP A 3 -2.99 -8.43 2.14
HD23 HYP A 3 -1.41 -8.46 1.32
HD1 HYP A 3 -2.97 -6.43 3.80
N CYS A 4 -1.42 -3.28 0.62
CA CYS A 4 -0.71 -2.11 0.06
C CYS A 4 0.81 -2.05 0.14
N CYS A 5 1.32 -2.33 1.34
CA CYS A 5 2.72 -2.57 1.61
C CYS A 5 2.78 -4.04 2.08
N LEU A 6 3.46 -4.76 1.23
CA LEU A 6 3.76 -6.19 1.37
C LEU A 6 5.22 -6.26 1.83
N TYR A 7 5.38 -6.86 3.00
CA TYR A 7 6.65 -6.91 3.74
C TYR A 7 7.29 -5.53 4.12
N GLY A 8 6.46 -4.61 4.62
CA GLY A 8 6.82 -3.20 4.78
C GLY A 8 6.92 -2.27 3.56
N SER A 9 7.05 -2.80 2.33
CA SER A 9 7.63 -2.03 1.20
C SER A 9 6.54 -1.18 0.46
N CYS A 10 6.48 -1.16 -0.89
CA CYS A 10 5.41 -0.46 -1.65
C CYS A 10 5.00 -1.32 -2.88
N ARG A 11 3.69 -1.54 -3.02
CA ARG A 11 3.09 -2.47 -3.98
C ARG A 11 1.73 -1.84 -4.46
N HYP A 12 1.53 -1.45 -5.75
CA HYP A 12 0.35 -0.64 -6.17
C HYP A 12 -0.98 -1.45 -6.22
O HYP A 12 -1.11 -2.45 -6.92
CB HYP A 12 0.78 -0.07 -7.55
CG HYP A 12 1.82 -1.08 -8.07
CD HYP A 12 2.55 -1.55 -6.81
OD1 HYP A 12 2.72 -0.46 -8.98
HA HYP A 12 0.26 0.22 -5.47
HB2 HYP A 12 -0.09 0.09 -8.23
HB3 HYP A 12 1.26 0.91 -7.40
HG HYP A 12 1.34 -1.95 -8.56
HD22 HYP A 12 3.42 -0.91 -6.56
HD23 HYP A 12 2.92 -2.60 -6.92
HD1 HYP A 12 3.12 0.28 -8.51
N PHE A 13 -1.94 -0.95 -5.42
CA PHE A 13 -3.32 -1.48 -5.33
C PHE A 13 -4.33 -0.32 -5.28
N HYP A 14 -5.65 -0.60 -5.51
CA HYP A 14 -6.70 0.36 -5.23
C HYP A 14 -7.01 0.51 -3.72
O HYP A 14 -7.09 -0.44 -2.94
CB HYP A 14 -7.81 -0.21 -6.09
CG HYP A 14 -7.65 -1.72 -6.07
CD HYP A 14 -6.15 -1.85 -6.13
OD1 HYP A 14 -8.30 -2.34 -7.16
HA HYP A 14 -6.42 1.32 -5.71
HB2 HYP A 14 -8.78 0.16 -5.77
HB3 HYP A 14 -7.59 0.20 -7.09
HG HYP A 14 -7.95 -2.17 -5.13
HD22 HYP A 14 -5.76 -2.76 -5.63
HD23 HYP A 14 -5.92 -1.87 -7.19
HD1 HYP A 14 -9.24 -2.18 -7.04
N GLY A 15 -6.84 1.77 -3.35
CA GLY A 15 -6.71 2.25 -1.97
C GLY A 15 -5.37 2.16 -1.21
N CYS A 16 -4.29 1.76 -1.89
CA CYS A 16 -2.92 1.69 -1.31
C CYS A 16 -2.14 3.03 -1.26
N TYR A 17 -2.16 3.78 -2.38
CA TYR A 17 -1.83 5.23 -2.41
C TYR A 17 -2.63 6.17 -1.43
N ASN A 18 -3.86 5.81 -1.03
CA ASN A 18 -4.51 6.37 0.21
C ASN A 18 -4.00 5.81 1.59
N ALA A 19 -3.43 4.59 1.65
CA ALA A 19 -3.08 3.88 2.90
C ALA A 19 -1.76 4.33 3.55
N LEU A 20 -1.63 3.93 4.82
CA LEU A 20 -0.78 4.63 5.80
C LEU A 20 0.75 4.52 5.54
N CYS A 21 1.28 3.31 5.30
CA CYS A 21 2.68 3.07 4.93
C CYS A 21 3.17 3.72 3.60
N CYS A 22 2.50 3.44 2.47
CA CYS A 22 2.83 4.06 1.18
C CYS A 22 1.81 5.18 0.92
N ARG A 23 2.05 6.30 1.63
CA ARG A 23 1.15 7.47 1.68
C ARG A 23 1.35 8.45 0.48
N LYS A 24 1.09 7.92 -0.73
CA LYS A 24 1.28 8.65 -2.01
C LYS A 24 -0.02 9.43 -2.36
N NH2 A 25 -0.54 9.30 -3.56
HN1 NH2 A 25 0.06 8.70 -4.16
HN2 NH2 A 25 -1.55 9.37 -3.57
N GLY A 1 -9.24 -7.90 1.31
CA GLY A 1 -8.30 -7.74 0.18
C GLY A 1 -6.80 -7.65 0.53
N HYP A 2 -5.89 -7.65 -0.48
CA HYP A 2 -4.43 -7.73 -0.24
C HYP A 2 -3.80 -6.44 0.41
O HYP A 2 -4.20 -5.34 0.03
CB HYP A 2 -3.82 -8.02 -1.63
CG HYP A 2 -4.92 -7.63 -2.65
CD HYP A 2 -6.26 -7.74 -1.90
OD1 HYP A 2 -4.88 -8.50 -3.77
HA HYP A 2 -4.29 -8.62 0.40
HB2 HYP A 2 -2.84 -7.47 -1.75
HB3 HYP A 2 -3.54 -9.09 -1.72
HG HYP A 2 -4.80 -6.59 -3.02
HD22 HYP A 2 -7.03 -6.99 -2.15
HD23 HYP A 2 -6.77 -8.69 -2.13
HD1 HYP A 2 -5.60 -8.22 -4.35
N HYP A 3 -2.69 -6.54 1.22
CA HYP A 3 -1.92 -5.37 1.70
C HYP A 3 -1.28 -4.52 0.58
O HYP A 3 -0.41 -4.96 -0.18
CB HYP A 3 -0.87 -6.03 2.62
CG HYP A 3 -1.43 -7.38 3.04
CD HYP A 3 -2.22 -7.80 1.80
OD1 HYP A 3 -2.31 -7.23 4.16
HA HYP A 3 -2.57 -4.72 2.34
HB2 HYP A 3 0.08 -6.13 2.08
HB3 HYP A 3 -0.61 -5.44 3.49
HG HYP A 3 -0.64 -8.11 3.31
HD22 HYP A 3 -3.02 -8.52 2.04
HD23 HYP A 3 -1.55 -8.31 1.09
HD1 HYP A 3 -2.98 -6.60 3.88
N CYS A 4 -1.61 -3.25 0.70
CA CYS A 4 -0.89 -2.09 0.15
C CYS A 4 0.64 -2.07 0.19
N CYS A 5 1.17 -2.31 1.39
CA CYS A 5 2.58 -2.48 1.65
C CYS A 5 2.69 -3.95 2.12
N LEU A 6 3.45 -4.65 1.30
CA LEU A 6 3.68 -6.09 1.40
C LEU A 6 5.09 -6.28 1.97
N TYR A 7 5.10 -6.78 3.21
CA TYR A 7 6.30 -6.87 4.06
C TYR A 7 7.08 -5.54 4.29
N GLY A 8 6.34 -4.50 4.68
CA GLY A 8 6.80 -3.10 4.60
C GLY A 8 6.79 -2.36 3.25
N SER A 9 6.99 -3.09 2.14
CA SER A 9 7.49 -2.52 0.87
C SER A 9 6.34 -2.10 -0.08
N CYS A 10 6.65 -1.04 -0.84
CA CYS A 10 5.64 -0.29 -1.63
C CYS A 10 5.24 -1.04 -2.92
N ARG A 11 3.92 -1.28 -3.04
CA ARG A 11 3.35 -2.23 -4.00
C ARG A 11 1.99 -1.63 -4.48
N HYP A 12 1.77 -1.25 -5.77
CA HYP A 12 0.58 -0.46 -6.19
C HYP A 12 -0.74 -1.29 -6.23
O HYP A 12 -0.84 -2.33 -6.92
CB HYP A 12 0.99 0.11 -7.56
CG HYP A 12 2.06 -0.86 -8.09
CD HYP A 12 2.80 -1.33 -6.83
OD1 HYP A 12 2.95 -0.23 -9.00
HA HYP A 12 0.47 0.40 -5.50
HB2 HYP A 12 0.12 0.24 -8.25
HB3 HYP A 12 1.45 1.11 -7.43
HG HYP A 12 1.60 -1.75 -8.58
HD22 HYP A 12 3.65 -0.68 -6.57
HD23 HYP A 12 3.18 -2.36 -6.93
HD1 HYP A 12 3.60 -0.89 -9.25
N PHE A 13 -1.71 -0.83 -5.44
CA PHE A 13 -3.06 -1.44 -5.33
C PHE A 13 -4.14 -0.34 -5.23
N HYP A 14 -5.43 -0.70 -5.46
CA HYP A 14 -6.54 0.20 -5.18
C HYP A 14 -6.86 0.33 -3.66
O HYP A 14 -6.88 -0.64 -2.89
CB HYP A 14 -7.62 -0.43 -6.03
CG HYP A 14 -7.37 -1.93 -6.03
CD HYP A 14 -5.87 -1.97 -6.08
OD1 HYP A 14 -7.99 -2.59 -7.12
HA HYP A 14 -6.32 1.18 -5.66
HB2 HYP A 14 -8.61 -0.12 -5.72
HB3 HYP A 14 -7.43 -0.01 -7.04
HG HYP A 14 -7.65 -2.40 -5.08
HD22 HYP A 14 -5.42 -2.86 -5.58
HD23 HYP A 14 -5.64 -1.98 -7.14
HD1 HYP A 14 -7.66 -2.16 -7.91
N GLY A 15 -6.79 1.59 -3.29
CA GLY A 15 -6.72 2.08 -1.91
C GLY A 15 -5.39 2.04 -1.13
N CYS A 16 -4.27 1.77 -1.81
CA CYS A 16 -2.91 1.74 -1.20
C CYS A 16 -2.19 3.11 -1.09
N TYR A 17 -2.22 3.87 -2.19
CA TYR A 17 -1.98 5.35 -2.20
C TYR A 17 -2.88 6.24 -1.27
N ASN A 18 -4.04 5.74 -0.76
CA ASN A 18 -4.70 6.29 0.46
C ASN A 18 -4.20 5.69 1.84
N ALA A 19 -3.68 4.45 1.85
CA ALA A 19 -3.24 3.73 3.09
C ALA A 19 -1.80 4.09 3.50
N LEU A 20 -1.55 4.03 4.82
CA LEU A 20 -0.58 4.93 5.49
C LEU A 20 0.91 4.76 5.08
N CYS A 21 1.44 3.53 5.15
CA CYS A 21 2.83 3.20 4.79
C CYS A 21 3.34 3.60 3.37
N CYS A 22 2.52 3.40 2.34
CA CYS A 22 2.83 3.85 0.95
C CYS A 22 1.73 4.81 0.45
N ARG A 23 1.41 5.83 1.27
CA ARG A 23 0.49 6.93 0.92
C ARG A 23 1.13 7.90 -0.13
N LYS A 24 2.25 8.54 0.23
CA LYS A 24 2.92 9.55 -0.62
C LYS A 24 4.13 8.87 -1.35
N NH2 A 25 5.28 9.51 -1.49
HN1 NH2 A 25 5.29 10.44 -1.02
HN2 NH2 A 25 5.98 9.07 -2.10
N GLY A 1 -9.06 -5.79 1.34
CA GLY A 1 -8.36 -6.16 0.09
C GLY A 1 -6.86 -6.48 0.21
N HYP A 2 -6.17 -6.75 -0.95
CA HYP A 2 -4.77 -7.23 -0.92
C HYP A 2 -3.72 -6.13 -0.53
O HYP A 2 -3.94 -4.95 -0.87
CB HYP A 2 -4.55 -7.84 -2.32
CG HYP A 2 -5.75 -7.40 -3.21
CD HYP A 2 -6.73 -6.62 -2.30
OD1 HYP A 2 -6.41 -8.57 -3.68
HA HYP A 2 -4.74 -8.05 -0.18
HB2 HYP A 2 -3.53 -7.56 -2.69
HB3 HYP A 2 -4.52 -8.96 -2.24
HG HYP A 2 -5.45 -6.83 -4.12
HD22 HYP A 2 -7.77 -7.01 -2.36
HD23 HYP A 2 -6.85 -5.53 -2.48
HD1 HYP A 2 -5.77 -9.04 -4.23
N HYP A 3 -2.60 -6.44 0.18
CA HYP A 3 -1.69 -5.44 0.79
C HYP A 3 -1.03 -4.44 -0.19
O HYP A 3 -0.19 -4.75 -1.03
CB HYP A 3 -0.65 -6.33 1.48
CG HYP A 3 -1.26 -7.69 1.74
CD HYP A 3 -2.27 -7.79 0.63
OD1 HYP A 3 -1.90 -7.68 3.02
HA HYP A 3 -2.26 -4.88 1.59
HB2 HYP A 3 0.19 -6.47 0.79
HB3 HYP A 3 -0.23 -5.92 2.39
HG HYP A 3 -0.55 -8.51 1.70
HD22 HYP A 3 -1.94 -8.41 -0.21
HD23 HYP A 3 -3.10 -8.31 1.07
HD1 HYP A 3 -1.20 -7.55 3.67
N CYS A 4 -1.27 -3.19 0.21
CA CYS A 4 -0.55 -1.99 -0.21
C CYS A 4 0.97 -1.94 0.00
N CYS A 5 1.39 -2.31 1.20
CA CYS A 5 2.77 -2.50 1.57
C CYS A 5 2.80 -3.94 2.12
N LEU A 6 3.71 -4.69 1.55
CA LEU A 6 3.85 -6.13 1.77
C LEU A 6 5.30 -6.38 2.15
N TYR A 7 5.47 -6.62 3.46
CA TYR A 7 6.78 -6.65 4.13
C TYR A 7 7.53 -5.27 4.20
N GLY A 8 6.80 -4.26 4.69
CA GLY A 8 7.19 -2.84 4.55
C GLY A 8 6.93 -2.13 3.22
N SER A 9 6.95 -2.88 2.12
CA SER A 9 7.33 -2.38 0.81
C SER A 9 6.18 -2.19 -0.19
N CYS A 10 6.22 -1.04 -0.88
CA CYS A 10 5.10 -0.51 -1.70
C CYS A 10 4.86 -1.37 -2.98
N ARG A 11 3.58 -1.70 -3.15
CA ARG A 11 3.13 -2.84 -3.98
C ARG A 11 1.71 -2.40 -4.47
N HYP A 12 1.52 -1.91 -5.73
CA HYP A 12 0.42 -0.96 -6.06
C HYP A 12 -0.99 -1.59 -6.19
O HYP A 12 -1.19 -2.61 -6.84
CB HYP A 12 0.89 -0.29 -7.38
CG HYP A 12 1.88 -1.30 -7.99
CD HYP A 12 2.56 -1.93 -6.77
OD1 HYP A 12 2.83 -0.64 -8.83
HA HYP A 12 0.41 -0.17 -5.27
HB2 HYP A 12 0.05 -0.02 -8.06
HB3 HYP A 12 1.42 0.66 -7.14
HG HYP A 12 1.36 -2.09 -8.56
HD22 HYP A 12 2.92 -2.96 -6.97
HD23 HYP A 12 3.44 -1.34 -6.42
HD1 HYP A 12 3.43 -1.33 -9.13
N PHE A 13 -1.96 -0.91 -5.52
CA PHE A 13 -3.38 -1.34 -5.48
C PHE A 13 -4.33 -0.13 -5.42
N HYP A 14 -5.64 -0.33 -5.69
CA HYP A 14 -6.66 0.67 -5.39
C HYP A 14 -7.00 0.77 -3.88
O HYP A 14 -7.12 -0.22 -3.14
CB HYP A 14 -7.79 0.18 -6.29
CG HYP A 14 -7.70 -1.34 -6.31
CD HYP A 14 -6.20 -1.53 -6.35
OD1 HYP A 14 -8.36 -1.89 -7.45
HA HYP A 14 -6.33 1.63 -5.82
HB2 HYP A 14 -8.74 0.58 -5.97
HB3 HYP A 14 -7.53 0.61 -7.27
HG HYP A 14 -8.04 -1.81 -5.41
HD22 HYP A 14 -5.88 -2.48 -5.87
HD23 HYP A 14 -5.96 -1.54 -7.41
HD1 HYP A 14 -9.29 -1.68 -7.34
N GLY A 15 -6.76 2.00 -3.45
CA GLY A 15 -6.63 2.40 -2.05
C GLY A 15 -5.31 2.22 -1.29
N CYS A 16 -4.22 1.90 -1.98
CA CYS A 16 -2.85 1.80 -1.40
C CYS A 16 -2.11 3.15 -1.23
N TYR A 17 -2.10 3.96 -2.29
CA TYR A 17 -1.82 5.43 -2.21
C TYR A 17 -2.67 6.26 -1.18
N ASN A 18 -3.93 5.86 -0.87
CA ASN A 18 -4.63 6.30 0.37
C ASN A 18 -4.15 5.67 1.73
N ALA A 19 -3.55 4.47 1.71
CA ALA A 19 -3.16 3.70 2.93
C ALA A 19 -1.85 4.18 3.59
N LEU A 20 -1.71 3.76 4.87
CA LEU A 20 -0.91 4.48 5.87
C LEU A 20 0.63 4.43 5.64
N CYS A 21 1.20 3.23 5.42
CA CYS A 21 2.62 3.05 5.07
C CYS A 21 3.11 3.74 3.78
N CYS A 22 2.51 3.42 2.62
CA CYS A 22 2.90 4.04 1.33
C CYS A 22 1.83 5.11 0.99
N ARG A 23 1.96 6.24 1.70
CA ARG A 23 0.98 7.35 1.67
C ARG A 23 1.19 8.35 0.48
N LYS A 24 1.15 7.80 -0.74
CA LYS A 24 1.51 8.55 -1.98
C LYS A 24 0.26 9.17 -2.69
N NH2 A 25 -0.51 10.05 -2.07
HN1 NH2 A 25 -0.32 10.26 -1.07
HN2 NH2 A 25 -1.32 10.33 -2.64
N GLY A 1 -8.94 -6.43 -1.21
CA GLY A 1 -7.81 -7.09 -1.88
C GLY A 1 -6.47 -7.12 -1.10
N HYP A 2 -5.36 -7.60 -1.74
CA HYP A 2 -4.08 -7.83 -1.04
C HYP A 2 -3.39 -6.54 -0.44
O HYP A 2 -3.65 -5.44 -0.95
CB HYP A 2 -3.19 -8.53 -2.09
CG HYP A 2 -4.14 -9.02 -3.21
CD HYP A 2 -5.37 -8.08 -3.13
OD1 HYP A 2 -4.56 -10.34 -2.90
HA HYP A 2 -4.30 -8.55 -0.24
HB2 HYP A 2 -2.43 -7.79 -2.43
HB3 HYP A 2 -2.63 -9.40 -1.69
HG HYP A 2 -3.67 -9.07 -4.23
HD22 HYP A 2 -6.29 -8.62 -3.40
HD23 HYP A 2 -5.38 -7.19 -3.78
HD1 HYP A 2 -3.77 -10.88 -2.91
N HYP A 3 -2.46 -6.63 0.55
CA HYP A 3 -1.71 -5.49 1.12
C HYP A 3 -1.00 -4.54 0.12
O HYP A 3 -0.12 -4.90 -0.66
CB HYP A 3 -0.71 -6.20 2.05
CG HYP A 3 -1.35 -7.52 2.48
CD HYP A 3 -2.16 -7.90 1.25
OD1 HYP A 3 -2.20 -7.31 3.59
HA HYP A 3 -2.39 -4.88 1.77
HB2 HYP A 3 0.24 -6.37 1.50
HB3 HYP A 3 -0.43 -5.62 2.93
HG HYP A 3 -0.59 -8.28 2.73
HD22 HYP A 3 -3.07 -8.45 1.51
HD23 HYP A 3 -1.55 -8.53 0.60
HD1 HYP A 3 -1.64 -7.01 4.32
N CYS A 4 -1.32 -3.28 0.37
CA CYS A 4 -0.63 -2.07 -0.09
C CYS A 4 0.91 -2.01 0.08
N CYS A 5 1.34 -2.31 1.29
CA CYS A 5 2.72 -2.60 1.60
C CYS A 5 2.66 -4.04 2.17
N LEU A 6 3.35 -4.88 1.44
CA LEU A 6 3.65 -6.26 1.80
C LEU A 6 5.17 -6.26 2.06
N TYR A 7 5.51 -6.80 3.23
CA TYR A 7 6.86 -6.78 3.81
C TYR A 7 7.46 -5.37 4.13
N GLY A 8 6.61 -4.49 4.68
CA GLY A 8 6.92 -3.05 4.80
C GLY A 8 6.99 -2.15 3.56
N SER A 9 7.04 -2.71 2.33
CA SER A 9 7.64 -2.01 1.17
C SER A 9 6.57 -1.13 0.42
N CYS A 10 6.48 -1.18 -0.93
CA CYS A 10 5.31 -0.65 -1.67
C CYS A 10 4.98 -1.58 -2.86
N ARG A 11 3.67 -1.72 -3.10
CA ARG A 11 3.07 -2.74 -3.98
C ARG A 11 1.70 -2.15 -4.45
N HYP A 12 1.53 -1.67 -5.73
CA HYP A 12 0.42 -0.74 -6.09
C HYP A 12 -0.97 -1.42 -6.20
O HYP A 12 -1.14 -2.46 -6.87
CB HYP A 12 0.90 -0.11 -7.41
CG HYP A 12 1.90 -1.13 -8.00
CD HYP A 12 2.57 -1.74 -6.77
OD1 HYP A 12 2.84 -0.49 -8.85
HA HYP A 12 0.38 0.06 -5.33
HB2 HYP A 12 0.06 0.15 -8.11
HB3 HYP A 12 1.43 0.84 -7.19
HG HYP A 12 1.38 -1.93 -8.55
HD22 HYP A 12 3.47 -1.16 -6.45
HD23 HYP A 12 2.89 -2.78 -6.95
HD1 HYP A 12 3.27 0.17 -8.32
N PHE A 13 -1.93 -0.81 -5.51
CA PHE A 13 -3.34 -1.27 -5.46
C PHE A 13 -4.31 -0.07 -5.38
N HYP A 14 -5.62 -0.28 -5.67
CA HYP A 14 -6.65 0.71 -5.36
C HYP A 14 -6.99 0.77 -3.85
O HYP A 14 -7.12 -0.23 -3.13
CB HYP A 14 -7.76 0.23 -6.27
CG HYP A 14 -7.66 -1.29 -6.33
CD HYP A 14 -6.16 -1.47 -6.34
OD1 HYP A 14 -8.30 -1.83 -7.47
HA HYP A 14 -6.32 1.68 -5.76
HB2 HYP A 14 -8.72 0.61 -5.96
HB3 HYP A 14 -7.50 0.68 -7.24
HG HYP A 14 -8.01 -1.77 -5.42
HD22 HYP A 14 -5.83 -2.42 -5.87
HD23 HYP A 14 -5.91 -1.47 -7.40
HD1 HYP A 14 -9.24 -1.63 -7.37
N GLY A 15 -6.77 2.00 -3.39
CA GLY A 15 -6.66 2.37 -1.98
C GLY A 15 -5.34 2.15 -1.20
N CYS A 16 -4.23 1.85 -1.91
CA CYS A 16 -2.88 1.75 -1.32
C CYS A 16 -2.13 3.10 -1.12
N TYR A 17 -2.12 3.92 -2.17
CA TYR A 17 -1.85 5.39 -2.09
C TYR A 17 -2.77 6.23 -1.12
N ASN A 18 -3.99 5.78 -0.80
CA ASN A 18 -4.72 6.22 0.44
C ASN A 18 -4.26 5.56 1.79
N ALA A 19 -3.68 4.35 1.77
CA ALA A 19 -3.24 3.61 2.98
C ALA A 19 -1.83 4.02 3.47
N LEU A 20 -1.64 3.87 4.79
CA LEU A 20 -0.71 4.72 5.57
C LEU A 20 0.80 4.59 5.21
N CYS A 21 1.33 3.36 5.16
CA CYS A 21 2.73 3.08 4.80
C CYS A 21 3.23 3.56 3.39
N CYS A 22 2.44 3.32 2.32
CA CYS A 22 2.74 3.85 0.97
C CYS A 22 1.83 5.05 0.57
N ARG A 23 1.48 5.91 1.55
CA ARG A 23 0.84 7.22 1.29
C ARG A 23 1.84 8.24 0.68
N LYS A 24 2.94 8.57 1.40
CA LYS A 24 4.03 9.44 0.87
C LYS A 24 5.19 8.53 0.37
N NH2 A 25 6.44 8.82 0.70
HN1 NH2 A 25 6.51 9.73 1.21
HN2 NH2 A 25 7.03 8.00 0.79
N GLY A 1 -9.23 -6.70 1.64
CA GLY A 1 -8.50 -6.64 0.35
C GLY A 1 -7.08 -7.21 0.33
N HYP A 2 -6.37 -7.08 -0.83
CA HYP A 2 -4.93 -7.33 -0.90
C HYP A 2 -4.03 -6.21 -0.26
O HYP A 2 -4.34 -5.03 -0.44
CB HYP A 2 -4.64 -7.54 -2.39
CG HYP A 2 -5.82 -6.87 -3.14
CD HYP A 2 -7.00 -6.83 -2.14
OD1 HYP A 2 -6.17 -7.63 -4.29
HA HYP A 2 -4.81 -8.26 -0.35
HB2 HYP A 2 -3.63 -7.14 -2.66
HB3 HYP A 2 -4.58 -8.63 -2.62
HG HYP A 2 -5.59 -5.84 -3.47
HD22 HYP A 2 -7.59 -5.89 -2.11
HD23 HYP A 2 -7.74 -7.59 -2.37
HD1 HYP A 2 -6.92 -7.18 -4.69
N HYP A 3 -2.85 -6.52 0.36
CA HYP A 3 -1.93 -5.52 0.96
C HYP A 3 -1.31 -4.50 -0.04
O HYP A 3 -0.51 -4.82 -0.92
CB HYP A 3 -0.84 -6.40 1.61
CG HYP A 3 -1.44 -7.79 1.83
CD HYP A 3 -2.44 -7.91 0.68
OD1 HYP A 3 -2.12 -7.83 3.08
HA HYP A 3 -2.49 -4.96 1.76
HB2 HYP A 3 0.05 -6.46 0.95
HB3 HYP A 3 -0.46 -6.00 2.55
HG HYP A 3 -0.67 -8.57 1.80
HD22 HYP A 3 -3.28 -8.57 0.96
HD23 HYP A 3 -1.95 -8.35 -0.20
HD1 HYP A 3 -2.78 -7.13 3.05
N CYS A 4 -1.50 -3.27 0.40
CA CYS A 4 -0.75 -2.08 -0.02
C CYS A 4 0.78 -2.05 0.19
N CYS A 5 1.19 -2.49 1.38
CA CYS A 5 2.58 -2.69 1.73
C CYS A 5 2.64 -4.17 2.19
N LEU A 6 3.40 -4.88 1.39
CA LEU A 6 3.83 -6.26 1.63
C LEU A 6 5.31 -6.19 2.00
N TYR A 7 5.57 -6.70 3.22
CA TYR A 7 6.89 -6.64 3.86
C TYR A 7 7.47 -5.20 4.10
N GLY A 8 6.64 -4.31 4.66
CA GLY A 8 6.95 -2.87 4.73
C GLY A 8 6.84 -1.98 3.47
N SER A 9 6.90 -2.57 2.27
CA SER A 9 7.40 -1.83 1.07
C SER A 9 6.25 -1.12 0.28
N CYS A 10 6.36 -0.98 -1.06
CA CYS A 10 5.32 -0.38 -1.92
C CYS A 10 4.86 -1.45 -2.95
N ARG A 11 3.55 -1.73 -2.93
CA ARG A 11 2.93 -2.86 -3.66
C ARG A 11 1.61 -2.28 -4.25
N HYP A 12 1.55 -1.87 -5.56
CA HYP A 12 0.54 -0.89 -6.04
C HYP A 12 -0.89 -1.47 -6.23
O HYP A 12 -1.09 -2.48 -6.91
CB HYP A 12 1.15 -0.34 -7.35
CG HYP A 12 2.11 -1.46 -7.83
CD HYP A 12 2.65 -2.05 -6.52
OD1 HYP A 12 3.16 -0.94 -8.62
HA HYP A 12 0.51 -0.04 -5.31
HB2 HYP A 12 0.38 -0.07 -8.11
HB3 HYP A 12 1.73 0.58 -7.13
HG HYP A 12 1.56 -2.24 -8.38
HD22 HYP A 12 3.55 -1.53 -6.16
HD23 HYP A 12 2.91 -3.13 -6.63
HD1 HYP A 12 3.72 -1.68 -8.83
N PHE A 13 -1.84 -0.81 -5.56
CA PHE A 13 -3.27 -1.22 -5.53
C PHE A 13 -4.21 0.00 -5.41
N HYP A 14 -5.52 -0.17 -5.73
CA HYP A 14 -6.52 0.84 -5.40
C HYP A 14 -6.90 0.86 -3.90
O HYP A 14 -7.06 -0.16 -3.22
CB HYP A 14 -7.63 0.43 -6.36
CG HYP A 14 -7.56 -1.10 -6.46
CD HYP A 14 -6.08 -1.33 -6.45
OD1 HYP A 14 -8.20 -1.59 -7.63
HA HYP A 14 -6.16 1.81 -5.78
HB2 HYP A 14 -8.59 0.82 -6.06
HB3 HYP A 14 -7.33 0.89 -7.31
HG HYP A 14 -7.96 -1.60 -5.57
HD22 HYP A 14 -5.79 -2.29 -5.99
HD23 HYP A 14 -5.80 -1.31 -7.50
HD1 HYP A 14 -9.14 -1.35 -7.54
N GLY A 15 -6.67 2.07 -3.41
CA GLY A 15 -6.58 2.41 -1.99
C GLY A 15 -5.29 2.13 -1.19
N CYS A 16 -4.17 1.89 -1.88
CA CYS A 16 -2.82 1.75 -1.25
C CYS A 16 -2.07 3.09 -1.02
N TYR A 17 -1.98 3.90 -2.08
CA TYR A 17 -1.74 5.38 -2.00
C TYR A 17 -2.75 6.23 -1.14
N ASN A 18 -3.94 5.71 -0.77
CA ASN A 18 -4.70 6.21 0.42
C ASN A 18 -4.32 5.55 1.80
N ALA A 19 -3.76 4.33 1.81
CA ALA A 19 -3.29 3.63 3.04
C ALA A 19 -1.88 4.05 3.47
N LEU A 20 -1.62 3.90 4.78
CA LEU A 20 -0.64 4.76 5.51
C LEU A 20 0.84 4.55 5.09
N CYS A 21 1.32 3.30 5.11
CA CYS A 21 2.72 2.93 4.83
C CYS A 21 3.29 3.27 3.42
N CYS A 22 2.51 3.08 2.34
CA CYS A 22 2.87 3.57 0.98
C CYS A 22 1.87 4.66 0.51
N ARG A 23 1.61 5.65 1.39
CA ARG A 23 0.66 6.75 1.10
C ARG A 23 1.19 7.77 0.03
N LYS A 24 2.37 8.34 0.30
CA LYS A 24 2.95 9.45 -0.50
C LYS A 24 4.31 8.96 -1.09
N NH2 A 25 5.36 9.77 -1.10
HN1 NH2 A 25 5.18 10.70 -0.69
HN2 NH2 A 25 6.20 9.41 -1.59
#